data_3CW9
#
_entry.id   3CW9
#
_cell.length_a   60.507
_cell.length_b   87.789
_cell.length_c   186.060
_cell.angle_alpha   90.00
_cell.angle_beta   90.00
_cell.angle_gamma   90.00
#
_symmetry.space_group_name_H-M   'P 21 21 21'
#
loop_
_entity.id
_entity.type
_entity.pdbx_description
1 polymer '4-chlorobenzoyl CoA ligase'
2 non-polymer 'MAGNESIUM ION'
3 non-polymer 'NITRATE ION'
4 non-polymer 'ADENOSINE MONOPHOSPHATE'
5 non-polymer '4-Chlorophenacyl-coenzyme A'
6 non-polymer 1,2-ETHANEDIOL
7 water water
#
_entity_poly.entity_id   1
_entity_poly.type   'polypeptide(L)'
_entity_poly.pdbx_seq_one_letter_code
;MQTVNEMLRRAATRAPDHCALAVPARGLRLTHAELRARVEAVAARLHADGLRPQQRVAVVAPNSADVVIAILALHRLGAV
PALLNPRLKSAELAELIKRGEMTAAVIAVGRQVADAIFQSGSGARIIFLGDLVRDGEPYSYGPPIEDPQREPAQPAFIFY
TSGTTGLPKAAIIPQRAAESRVLFMSTQVGLRHGRHNVVLGLMPLYHVVGFFAVLVAALALDGTYVVVEEFRPVDALQLV
QQEQVTSLFATPTHLDALAAAAAHAGSSLKLDSLRHVTFAGATMPDAVLETVHQHLPGEKVNIYGTTEAMNSLYMRQPKT
GTEMAPGFFSEVRIVRIGGGVDEIVANGEEGELIVAASDSAFVGYLNQPQATAEKLQDGWYRTSDVAVWTPEGTVRILGR
VDDMIISGGENIHPSEIERVLGTAPGVTEVVVIGLADQRWGQSVTACVVPRLGETLSADALDTFCRSSELADFKRPKRYF
ILDQLPKNALNKVLRRQLVQQVSS
;
_entity_poly.pdbx_strand_id   A,B
#
loop_
_chem_comp.id
_chem_comp.type
_chem_comp.name
_chem_comp.formula
01A non-polymer '4-Chlorophenacyl-coenzyme A' 'C29 H41 Cl N7 O17 P3 S'
AMP non-polymer 'ADENOSINE MONOPHOSPHATE' 'C10 H14 N5 O7 P'
EDO non-polymer 1,2-ETHANEDIOL 'C2 H6 O2'
MG non-polymer 'MAGNESIUM ION' 'Mg 2'
NO3 non-polymer 'NITRATE ION' 'N O3 -1'
#
# COMPACT_ATOMS: atom_id res chain seq x y z
N MET A 1 -8.09 -1.06 8.76
CA MET A 1 -8.14 -1.16 7.27
C MET A 1 -8.49 0.20 6.63
N GLN A 2 -8.31 0.29 5.31
CA GLN A 2 -8.88 1.39 4.53
C GLN A 2 -9.89 0.79 3.53
N THR A 3 -11.17 1.07 3.74
CA THR A 3 -12.23 0.57 2.88
C THR A 3 -12.24 1.34 1.56
N VAL A 4 -13.03 0.88 0.59
CA VAL A 4 -13.24 1.65 -0.64
C VAL A 4 -13.78 3.03 -0.30
N ASN A 5 -14.80 3.08 0.56
CA ASN A 5 -15.43 4.35 0.92
C ASN A 5 -14.44 5.32 1.53
N GLU A 6 -13.58 4.78 2.40
CA GLU A 6 -12.59 5.57 3.11
C GLU A 6 -11.52 6.09 2.15
N MET A 7 -11.06 5.23 1.24
CA MET A 7 -10.07 5.65 0.23
C MET A 7 -10.59 6.79 -0.62
N LEU A 8 -11.85 6.69 -1.03
CA LEU A 8 -12.47 7.69 -1.89
C LEU A 8 -12.89 8.93 -1.13
N ARG A 9 -13.35 8.75 0.11
CA ARG A 9 -13.65 9.89 0.98
C ARG A 9 -12.40 10.74 1.25
N ARG A 10 -11.30 10.09 1.61
CA ARG A 10 -10.06 10.79 1.90
C ARG A 10 -9.53 11.51 0.66
N ALA A 11 -9.61 10.84 -0.50
CA ALA A 11 -9.24 11.42 -1.80
C ALA A 11 -10.01 12.71 -2.12
N ALA A 12 -11.30 12.72 -1.79
CA ALA A 12 -12.15 13.89 -2.02
C ALA A 12 -11.83 15.06 -1.08
N THR A 13 -11.28 14.76 0.11
CA THR A 13 -10.84 15.82 1.03
C THR A 13 -9.53 16.45 0.56
N ARG A 14 -8.70 15.66 -0.12
CA ARG A 14 -7.41 16.12 -0.60
C ARG A 14 -7.51 16.84 -1.94
N ALA A 15 -8.39 16.37 -2.81
CA ALA A 15 -8.50 16.87 -4.18
C ALA A 15 -9.94 17.21 -4.59
N PRO A 16 -10.66 18.02 -3.78
CA PRO A 16 -12.11 18.23 -4.00
C PRO A 16 -12.46 18.79 -5.38
N ASP A 17 -11.63 19.70 -5.89
CA ASP A 17 -11.94 20.42 -7.11
C ASP A 17 -11.23 19.82 -8.32
N HIS A 18 -10.60 18.67 -8.13
CA HIS A 18 -9.94 17.97 -9.23
C HIS A 18 -10.94 17.04 -9.91
N CYS A 19 -10.85 16.94 -11.24
CA CYS A 19 -11.74 16.04 -12.00
C CYS A 19 -11.59 14.57 -11.58
N ALA A 20 -12.70 13.96 -11.16
CA ALA A 20 -12.74 12.54 -10.82
C ALA A 20 -13.24 11.70 -12.00
N LEU A 21 -14.36 12.10 -12.57
CA LEU A 21 -14.96 11.37 -13.70
C LEU A 21 -15.05 12.27 -14.94
N ALA A 22 -14.52 11.76 -16.04
CA ALA A 22 -14.60 12.45 -17.33
C ALA A 22 -15.35 11.56 -18.32
N VAL A 23 -16.44 12.08 -18.90
CA VAL A 23 -17.15 11.40 -19.97
C VAL A 23 -17.14 12.32 -21.20
N PRO A 24 -16.03 12.29 -21.97
CA PRO A 24 -15.82 13.26 -23.04
C PRO A 24 -16.90 13.22 -24.11
N ALA A 25 -17.37 12.03 -24.46
CA ALA A 25 -18.38 11.87 -25.50
C ALA A 25 -19.69 12.57 -25.14
N ARG A 26 -20.02 12.56 -23.85
CA ARG A 26 -21.24 13.20 -23.33
C ARG A 26 -20.99 14.60 -22.75
N GLY A 27 -19.74 15.05 -22.81
CA GLY A 27 -19.36 16.35 -22.26
C GLY A 27 -19.59 16.50 -20.77
N LEU A 28 -19.52 15.38 -20.05
CA LEU A 28 -19.72 15.37 -18.60
C LEU A 28 -18.37 15.26 -17.87
N ARG A 29 -18.17 16.12 -16.88
CA ARG A 29 -16.99 16.08 -16.01
C ARG A 29 -17.45 16.34 -14.59
N LEU A 30 -16.99 15.51 -13.67
CA LEU A 30 -17.34 15.68 -12.27
C LEU A 30 -16.07 15.68 -11.44
N THR A 31 -15.94 16.68 -10.56
CA THR A 31 -14.83 16.73 -9.63
C THR A 31 -15.02 15.68 -8.55
N HIS A 32 -13.98 15.47 -7.74
CA HIS A 32 -14.05 14.57 -6.59
C HIS A 32 -15.17 14.98 -5.62
N ALA A 33 -15.26 16.27 -5.32
CA ALA A 33 -16.34 16.78 -4.46
C ALA A 33 -17.75 16.61 -5.07
N GLU A 34 -17.86 16.83 -6.38
CA GLU A 34 -19.14 16.65 -7.11
C GLU A 34 -19.58 15.20 -7.12
N LEU A 35 -18.63 14.30 -7.36
CA LEU A 35 -18.91 12.87 -7.29
C LEU A 35 -19.36 12.47 -5.89
N ARG A 36 -18.66 12.97 -4.88
CA ARG A 36 -18.98 12.70 -3.47
C ARG A 36 -20.40 13.13 -3.15
N ALA A 37 -20.76 14.32 -3.63
CA ALA A 37 -22.10 14.88 -3.42
C ALA A 37 -23.18 13.97 -4.02
N ARG A 38 -22.90 13.46 -5.20
CA ARG A 38 -23.84 12.58 -5.92
C ARG A 38 -23.95 11.20 -5.29
N VAL A 39 -22.82 10.64 -4.88
CA VAL A 39 -22.80 9.37 -4.13
C VAL A 39 -23.63 9.50 -2.85
N GLU A 40 -23.42 10.60 -2.11
CA GLU A 40 -24.19 10.88 -0.90
C GLU A 40 -25.69 10.99 -1.18
N ALA A 41 -26.05 11.69 -2.26
CA ALA A 41 -27.46 11.92 -2.62
C ALA A 41 -28.16 10.61 -2.97
N VAL A 42 -27.50 9.77 -3.77
CA VAL A 42 -28.05 8.47 -4.14
C VAL A 42 -28.16 7.54 -2.93
N ALA A 43 -27.11 7.52 -2.10
CA ALA A 43 -27.14 6.77 -0.84
C ALA A 43 -28.33 7.18 0.05
N ALA A 44 -28.54 8.48 0.22
CA ALA A 44 -29.65 9.00 1.04
C ALA A 44 -31.02 8.55 0.52
N ARG A 45 -31.18 8.57 -0.81
CA ARG A 45 -32.43 8.14 -1.44
C ARG A 45 -32.70 6.65 -1.22
N LEU A 46 -31.71 5.81 -1.52
CA LEU A 46 -31.82 4.37 -1.28
C LEU A 46 -32.17 4.07 0.19
N HIS A 47 -31.54 4.80 1.10
CA HIS A 47 -31.75 4.64 2.54
C HIS A 47 -33.16 5.07 2.95
N ALA A 48 -33.62 6.20 2.40
CA ALA A 48 -34.99 6.65 2.62
C ALA A 48 -36.00 5.61 2.14
N ASP A 49 -35.70 4.98 1.01
CA ASP A 49 -36.55 3.92 0.48
C ASP A 49 -36.48 2.62 1.28
N GLY A 50 -35.54 2.53 2.22
CA GLY A 50 -35.53 1.42 3.17
C GLY A 50 -34.38 0.45 3.09
N LEU A 51 -33.43 0.69 2.18
CA LEU A 51 -32.28 -0.18 2.03
C LEU A 51 -31.36 -0.11 3.25
N ARG A 52 -30.86 -1.27 3.67
CA ARG A 52 -30.04 -1.37 4.88
C ARG A 52 -28.62 -1.84 4.61
N PRO A 53 -27.67 -1.50 5.51
CA PRO A 53 -26.32 -2.04 5.39
C PRO A 53 -26.30 -3.57 5.38
N GLN A 54 -25.33 -4.12 4.66
CA GLN A 54 -25.12 -5.58 4.53
C GLN A 54 -26.16 -6.33 3.68
N GLN A 55 -27.18 -5.62 3.21
CA GLN A 55 -28.10 -6.19 2.22
C GLN A 55 -27.44 -6.21 0.85
N ARG A 56 -27.64 -7.31 0.11
CA ARG A 56 -27.06 -7.47 -1.22
C ARG A 56 -27.95 -6.83 -2.28
N VAL A 57 -27.31 -6.11 -3.20
CA VAL A 57 -28.02 -5.45 -4.29
C VAL A 57 -27.31 -5.71 -5.60
N ALA A 58 -28.00 -6.36 -6.54
CA ALA A 58 -27.42 -6.66 -7.82
C ALA A 58 -27.20 -5.37 -8.59
N VAL A 59 -26.14 -5.33 -9.39
CA VAL A 59 -25.89 -4.22 -10.29
C VAL A 59 -25.64 -4.80 -11.68
N VAL A 60 -26.50 -4.44 -12.63
CA VAL A 60 -26.44 -5.02 -13.97
C VAL A 60 -26.50 -3.90 -14.98
N ALA A 61 -25.32 -3.43 -15.38
CA ALA A 61 -25.21 -2.23 -16.21
C ALA A 61 -23.87 -2.18 -16.94
N PRO A 62 -23.87 -1.67 -18.20
CA PRO A 62 -22.58 -1.41 -18.84
C PRO A 62 -21.86 -0.24 -18.15
N ASN A 63 -20.56 -0.08 -18.42
CA ASN A 63 -19.79 1.03 -17.86
C ASN A 63 -20.43 2.38 -18.21
N SER A 64 -20.55 3.23 -17.19
CA SER A 64 -21.06 4.59 -17.35
C SER A 64 -20.76 5.37 -16.07
N ALA A 65 -20.88 6.69 -16.13
CA ALA A 65 -20.73 7.52 -14.95
C ALA A 65 -21.84 7.21 -13.94
N ASP A 66 -23.03 6.88 -14.45
CA ASP A 66 -24.18 6.59 -13.60
C ASP A 66 -24.02 5.31 -12.77
N VAL A 67 -23.44 4.26 -13.36
CA VAL A 67 -23.24 3.03 -12.62
C VAL A 67 -22.10 3.16 -11.60
N VAL A 68 -21.08 3.97 -11.91
CA VAL A 68 -20.03 4.30 -10.95
C VAL A 68 -20.68 4.91 -9.72
N ILE A 69 -21.56 5.89 -9.94
CA ILE A 69 -22.25 6.56 -8.85
C ILE A 69 -23.10 5.60 -8.04
N ALA A 70 -23.85 4.75 -8.73
CA ALA A 70 -24.73 3.78 -8.06
C ALA A 70 -23.95 2.75 -7.24
N ILE A 71 -22.90 2.17 -7.82
CA ILE A 71 -22.08 1.19 -7.10
C ILE A 71 -21.51 1.82 -5.82
N LEU A 72 -20.94 3.02 -5.95
CA LEU A 72 -20.30 3.70 -4.82
C LEU A 72 -21.31 4.14 -3.77
N ALA A 73 -22.52 4.53 -4.21
CA ALA A 73 -23.61 4.89 -3.31
C ALA A 73 -24.12 3.71 -2.50
N LEU A 74 -24.23 2.54 -3.15
CA LEU A 74 -24.57 1.29 -2.45
C LEU A 74 -23.55 1.00 -1.36
N HIS A 75 -22.27 1.09 -1.74
CA HIS A 75 -21.19 0.85 -0.81
C HIS A 75 -21.18 1.89 0.31
N ARG A 76 -21.37 3.15 -0.05
CA ARG A 76 -21.50 4.24 0.94
C ARG A 76 -22.56 3.95 2.02
N LEU A 77 -23.74 3.52 1.59
CA LEU A 77 -24.84 3.16 2.50
C LEU A 77 -24.44 1.96 3.38
N GLY A 78 -23.72 1.02 2.79
CA GLY A 78 -23.33 -0.20 3.48
C GLY A 78 -23.88 -1.46 2.84
N ALA A 79 -24.73 -1.29 1.82
CA ALA A 79 -25.19 -2.44 1.01
C ALA A 79 -24.00 -3.07 0.32
N VAL A 80 -24.16 -4.34 -0.06
CA VAL A 80 -23.13 -5.13 -0.75
C VAL A 80 -23.49 -5.25 -2.24
N PRO A 81 -22.79 -4.48 -3.10
CA PRO A 81 -23.10 -4.62 -4.52
C PRO A 81 -22.65 -5.99 -5.04
N ALA A 82 -23.54 -6.64 -5.81
CA ALA A 82 -23.21 -7.89 -6.49
C ALA A 82 -23.19 -7.57 -7.97
N LEU A 83 -21.98 -7.41 -8.51
CA LEU A 83 -21.81 -6.90 -9.86
C LEU A 83 -21.99 -8.02 -10.88
N LEU A 84 -22.92 -7.81 -11.82
CA LEU A 84 -23.24 -8.82 -12.83
C LEU A 84 -23.02 -8.30 -14.23
N ASN A 85 -22.47 -9.16 -15.07
CA ASN A 85 -22.23 -8.88 -16.50
C ASN A 85 -23.56 -8.59 -17.22
N PRO A 86 -23.70 -7.38 -17.80
CA PRO A 86 -24.95 -7.00 -18.47
C PRO A 86 -25.19 -7.74 -19.80
N ARG A 87 -24.19 -8.47 -20.30
CA ARG A 87 -24.33 -9.30 -21.49
C ARG A 87 -25.08 -10.60 -21.18
N LEU A 88 -25.22 -10.95 -19.90
CA LEU A 88 -25.96 -12.16 -19.54
C LEU A 88 -27.44 -11.99 -19.87
N LYS A 89 -28.10 -13.11 -20.15
CA LYS A 89 -29.52 -13.08 -20.48
C LYS A 89 -30.40 -13.13 -19.23
N SER A 90 -31.70 -12.92 -19.43
CA SER A 90 -32.64 -12.68 -18.34
C SER A 90 -32.76 -13.83 -17.32
N ALA A 91 -32.81 -15.07 -17.80
CA ALA A 91 -32.97 -16.22 -16.91
C ALA A 91 -31.77 -16.43 -15.99
N GLU A 92 -30.56 -16.27 -16.54
CA GLU A 92 -29.33 -16.40 -15.76
C GLU A 92 -29.24 -15.29 -14.71
N LEU A 93 -29.52 -14.05 -15.12
CA LEU A 93 -29.52 -12.91 -14.19
C LEU A 93 -30.54 -13.07 -13.08
N ALA A 94 -31.79 -13.41 -13.44
CA ALA A 94 -32.84 -13.61 -12.45
C ALA A 94 -32.49 -14.74 -11.46
N GLU A 95 -31.95 -15.84 -11.96
CA GLU A 95 -31.62 -16.98 -11.09
C GLU A 95 -30.46 -16.66 -10.14
N LEU A 96 -29.45 -15.95 -10.63
CA LEU A 96 -28.35 -15.52 -9.77
C LEU A 96 -28.81 -14.54 -8.69
N ILE A 97 -29.70 -13.63 -9.04
CA ILE A 97 -30.27 -12.68 -8.08
C ILE A 97 -31.12 -13.42 -7.03
N LYS A 98 -31.91 -14.39 -7.50
CA LYS A 98 -32.71 -15.24 -6.61
C LYS A 98 -31.87 -16.05 -5.63
N ARG A 99 -30.90 -16.79 -6.15
CA ARG A 99 -30.03 -17.63 -5.32
C ARG A 99 -29.21 -16.78 -4.34
N GLY A 100 -28.90 -15.56 -4.74
CA GLY A 100 -28.19 -14.60 -3.88
C GLY A 100 -29.04 -13.98 -2.80
N GLU A 101 -30.35 -14.25 -2.80
CA GLU A 101 -31.27 -13.68 -1.81
C GLU A 101 -31.03 -12.17 -1.66
N MET A 102 -31.07 -11.47 -2.79
CA MET A 102 -30.72 -10.06 -2.82
C MET A 102 -31.95 -9.21 -2.53
N THR A 103 -31.70 -8.05 -1.93
CA THR A 103 -32.78 -7.15 -1.49
C THR A 103 -33.29 -6.27 -2.64
N ALA A 104 -32.39 -5.93 -3.56
CA ALA A 104 -32.75 -5.12 -4.72
C ALA A 104 -31.83 -5.44 -5.88
N ALA A 105 -32.19 -4.92 -7.05
CA ALA A 105 -31.42 -5.09 -8.24
C ALA A 105 -31.49 -3.79 -9.02
N VAL A 106 -30.33 -3.15 -9.20
CA VAL A 106 -30.21 -1.92 -9.95
C VAL A 106 -29.80 -2.32 -11.36
N ILE A 107 -30.72 -2.13 -12.32
CA ILE A 107 -30.48 -2.62 -13.67
C ILE A 107 -30.55 -1.52 -14.71
N ALA A 108 -29.77 -1.68 -15.76
CA ALA A 108 -29.90 -0.82 -16.92
C ALA A 108 -30.11 -1.65 -18.18
N VAL A 109 -30.72 -2.83 -18.02
CA VAL A 109 -30.82 -3.81 -19.13
C VAL A 109 -32.14 -4.30 -19.82
N GLY A 110 -33.31 -3.66 -19.81
CA GLY A 110 -34.12 -3.28 -18.69
C GLY A 110 -35.33 -4.23 -18.63
N ARG A 111 -36.37 -4.05 -19.48
CA ARG A 111 -37.72 -4.64 -19.21
C ARG A 111 -37.91 -6.18 -19.17
N GLN A 112 -37.32 -6.90 -20.11
CA GLN A 112 -37.43 -8.37 -20.09
C GLN A 112 -36.67 -8.94 -18.89
N VAL A 113 -35.51 -8.37 -18.58
CA VAL A 113 -34.73 -8.76 -17.39
C VAL A 113 -35.52 -8.46 -16.12
N ALA A 114 -36.13 -7.26 -16.06
CA ALA A 114 -36.96 -6.88 -14.92
C ALA A 114 -38.09 -7.88 -14.70
N ASP A 115 -38.81 -8.24 -15.77
CA ASP A 115 -39.88 -9.23 -15.68
C ASP A 115 -39.35 -10.58 -15.20
N ALA A 116 -38.21 -11.02 -15.72
CA ALA A 116 -37.61 -12.29 -15.28
C ALA A 116 -37.36 -12.28 -13.77
N ILE A 117 -36.80 -11.19 -13.26
CA ILE A 117 -36.56 -11.06 -11.81
C ILE A 117 -37.88 -11.14 -11.03
N PHE A 118 -38.90 -10.43 -11.50
CA PHE A 118 -40.22 -10.47 -10.85
C PHE A 118 -40.82 -11.88 -10.83
N GLN A 119 -40.83 -12.53 -12.01
CA GLN A 119 -41.43 -13.85 -12.14
C GLN A 119 -40.67 -14.94 -11.36
N SER A 120 -39.37 -14.72 -11.10
CA SER A 120 -38.56 -15.68 -10.35
C SER A 120 -39.04 -15.88 -8.91
N GLY A 121 -39.79 -14.89 -8.40
CA GLY A 121 -40.25 -14.92 -7.02
C GLY A 121 -39.19 -14.54 -6.00
N SER A 122 -38.06 -14.01 -6.47
CA SER A 122 -36.98 -13.56 -5.58
C SER A 122 -37.43 -12.48 -4.60
N GLY A 123 -38.29 -11.57 -5.04
CA GLY A 123 -38.75 -10.48 -4.18
C GLY A 123 -37.79 -9.31 -4.11
N ALA A 124 -36.70 -9.39 -4.87
CA ALA A 124 -35.78 -8.27 -5.02
C ALA A 124 -36.51 -7.08 -5.65
N ARG A 125 -36.33 -5.91 -5.06
CA ARG A 125 -36.89 -4.69 -5.61
C ARG A 125 -36.08 -4.27 -6.84
N ILE A 126 -36.79 -4.08 -7.95
CA ILE A 126 -36.17 -3.74 -9.22
C ILE A 126 -36.07 -2.22 -9.35
N ILE A 127 -34.85 -1.74 -9.55
CA ILE A 127 -34.60 -0.31 -9.70
C ILE A 127 -33.90 -0.05 -11.04
N PHE A 128 -34.52 0.74 -11.93
CA PHE A 128 -33.82 1.19 -13.14
C PHE A 128 -32.74 2.19 -12.74
N LEU A 129 -31.54 2.00 -13.26
CA LEU A 129 -30.42 2.91 -12.97
C LEU A 129 -30.77 4.35 -13.32
N GLY A 130 -31.44 4.54 -14.47
CA GLY A 130 -31.86 5.87 -14.91
C GLY A 130 -32.95 6.53 -14.07
N ASP A 131 -33.55 5.75 -13.16
CA ASP A 131 -34.50 6.29 -12.20
C ASP A 131 -33.83 6.68 -10.87
N LEU A 132 -32.56 6.30 -10.72
CA LEU A 132 -31.74 6.61 -9.54
C LEU A 132 -30.82 7.80 -9.81
N VAL A 133 -30.12 7.74 -10.93
CA VAL A 133 -29.16 8.76 -11.34
C VAL A 133 -29.09 8.74 -12.86
N ARG A 134 -29.17 9.92 -13.46
CA ARG A 134 -29.12 10.01 -14.92
C ARG A 134 -28.17 11.12 -15.37
N ASP A 135 -27.21 10.75 -16.22
CA ASP A 135 -26.18 11.66 -16.72
C ASP A 135 -25.49 12.41 -15.58
N GLY A 136 -25.26 11.70 -14.47
CA GLY A 136 -24.60 12.25 -13.29
C GLY A 136 -25.50 12.92 -12.28
N GLU A 137 -26.79 13.05 -12.61
CA GLU A 137 -27.74 13.79 -11.77
C GLU A 137 -28.69 12.88 -11.00
N PRO A 138 -28.57 12.88 -9.65
CA PRO A 138 -29.40 11.99 -8.81
C PRO A 138 -30.85 12.45 -8.69
N TYR A 139 -31.72 11.52 -8.36
CA TYR A 139 -33.06 11.84 -7.88
C TYR A 139 -33.06 11.52 -6.40
N SER A 140 -32.89 12.55 -5.58
CA SER A 140 -32.72 12.33 -4.14
C SER A 140 -33.78 12.99 -3.28
N TYR A 141 -34.07 12.29 -2.18
CA TYR A 141 -34.78 12.84 -1.03
C TYR A 141 -34.22 12.15 0.21
N GLY A 142 -34.60 12.67 1.38
CA GLY A 142 -34.12 12.13 2.65
C GLY A 142 -32.91 12.87 3.21
N PRO A 143 -32.73 12.81 4.55
CA PRO A 143 -31.61 13.45 5.24
C PRO A 143 -30.28 12.75 4.98
N PRO A 144 -29.14 13.41 5.33
CA PRO A 144 -27.87 12.70 5.28
C PRO A 144 -27.93 11.48 6.19
N ILE A 145 -27.26 10.41 5.77
CA ILE A 145 -27.38 9.12 6.47
C ILE A 145 -26.10 8.79 7.22
N GLU A 146 -26.23 7.90 8.20
CA GLU A 146 -25.09 7.47 9.00
C GLU A 146 -24.13 6.62 8.18
N ASP A 147 -22.92 6.52 8.67
CA ASP A 147 -21.95 5.57 8.14
C ASP A 147 -22.22 4.19 8.73
N PRO A 148 -22.25 3.15 7.89
CA PRO A 148 -22.40 1.80 8.41
C PRO A 148 -21.11 1.38 9.09
N GLN A 149 -21.18 0.43 10.02
CA GLN A 149 -19.98 -0.14 10.61
C GLN A 149 -19.43 -1.22 9.69
N ARG A 150 -18.22 -0.99 9.18
CA ARG A 150 -17.55 -1.93 8.32
C ARG A 150 -16.46 -2.63 9.12
N GLU A 151 -16.41 -3.95 8.98
CA GLU A 151 -15.50 -4.81 9.73
C GLU A 151 -14.62 -5.52 8.69
N PRO A 152 -13.36 -5.83 9.02
CA PRO A 152 -12.41 -6.36 8.02
C PRO A 152 -12.89 -7.57 7.22
N ALA A 153 -13.43 -8.58 7.90
CA ALA A 153 -13.83 -9.84 7.26
C ALA A 153 -15.19 -9.74 6.58
N GLN A 154 -15.90 -8.65 6.84
CA GLN A 154 -17.29 -8.47 6.42
C GLN A 154 -17.44 -8.35 4.89
N PRO A 155 -18.50 -8.95 4.32
CA PRO A 155 -18.78 -8.77 2.90
C PRO A 155 -18.83 -7.30 2.47
N ALA A 156 -18.17 -6.99 1.36
CA ALA A 156 -18.13 -5.62 0.86
C ALA A 156 -18.66 -5.58 -0.57
N PHE A 157 -18.18 -6.50 -1.41
CA PHE A 157 -18.57 -6.60 -2.80
C PHE A 157 -18.63 -8.06 -3.22
N ILE A 158 -19.48 -8.36 -4.20
CA ILE A 158 -19.58 -9.70 -4.77
C ILE A 158 -19.34 -9.64 -6.28
N PHE A 159 -18.42 -10.46 -6.75
CA PHE A 159 -18.11 -10.61 -8.17
C PHE A 159 -18.27 -12.08 -8.56
N TYR A 160 -18.70 -12.33 -9.80
CA TYR A 160 -18.98 -13.69 -10.27
C TYR A 160 -17.91 -14.24 -11.19
N THR A 161 -17.61 -15.51 -11.02
CA THR A 161 -16.72 -16.20 -11.94
C THR A 161 -17.20 -17.63 -12.16
N SER A 162 -16.93 -18.14 -13.36
CA SER A 162 -17.48 -19.42 -13.79
C SER A 162 -16.87 -20.60 -13.04
N GLY A 163 -17.72 -21.54 -12.64
CA GLY A 163 -17.27 -22.83 -12.12
C GLY A 163 -17.17 -23.84 -13.26
N THR A 164 -16.77 -25.08 -12.93
CA THR A 164 -16.66 -26.15 -13.93
C THR A 164 -18.02 -26.76 -14.24
N THR A 165 -19.00 -26.45 -13.40
CA THR A 165 -20.38 -26.84 -13.62
C THR A 165 -21.31 -25.83 -12.99
N GLY A 166 -22.53 -25.76 -13.51
CA GLY A 166 -23.56 -24.87 -12.97
C GLY A 166 -23.34 -23.39 -13.23
N LEU A 167 -24.18 -22.58 -12.57
CA LEU A 167 -24.11 -21.12 -12.68
C LEU A 167 -22.82 -20.57 -12.07
N PRO A 168 -22.40 -19.36 -12.48
CA PRO A 168 -21.17 -18.78 -11.90
C PRO A 168 -21.20 -18.69 -10.37
N LYS A 169 -20.01 -18.75 -9.78
CA LYS A 169 -19.83 -18.66 -8.34
C LYS A 169 -19.78 -17.19 -7.90
N ALA A 170 -20.39 -16.91 -6.74
CA ALA A 170 -20.44 -15.55 -6.20
C ALA A 170 -19.31 -15.31 -5.19
N ALA A 171 -18.18 -14.78 -5.68
CA ALA A 171 -17.01 -14.52 -4.84
C ALA A 171 -17.23 -13.32 -3.91
N ILE A 172 -17.20 -13.58 -2.60
CA ILE A 172 -17.43 -12.55 -1.60
C ILE A 172 -16.11 -11.87 -1.25
N ILE A 173 -15.99 -10.60 -1.62
CA ILE A 173 -14.80 -9.82 -1.34
C ILE A 173 -14.99 -9.06 -0.01
N PRO A 174 -14.13 -9.32 0.99
CA PRO A 174 -14.27 -8.65 2.28
C PRO A 174 -13.81 -7.19 2.27
N GLN A 175 -14.25 -6.43 3.26
CA GLN A 175 -13.87 -5.03 3.40
C GLN A 175 -12.35 -4.81 3.39
N ARG A 176 -11.61 -5.67 4.09
CA ARG A 176 -10.15 -5.57 4.21
C ARG A 176 -9.36 -5.78 2.92
N ALA A 177 -10.01 -6.28 1.88
CA ALA A 177 -9.34 -6.65 0.62
C ALA A 177 -9.10 -5.46 -0.30
N ALA A 178 -9.92 -4.43 -0.12
CA ALA A 178 -9.92 -3.28 -1.02
C ALA A 178 -8.55 -2.62 -1.14
N GLU A 179 -7.87 -2.41 -0.02
CA GLU A 179 -6.63 -1.64 -0.04
C GLU A 179 -5.52 -2.29 -0.88
N SER A 180 -5.28 -3.58 -0.66
CA SER A 180 -4.28 -4.33 -1.44
C SER A 180 -4.67 -4.56 -2.89
N ARG A 181 -5.98 -4.61 -3.17
CA ARG A 181 -6.50 -4.77 -4.53
C ARG A 181 -6.36 -3.49 -5.36
N VAL A 182 -6.05 -2.39 -4.67
CA VAL A 182 -5.74 -1.10 -5.28
C VAL A 182 -4.22 -0.92 -5.31
N LEU A 183 -3.58 -1.14 -4.16
CA LEU A 183 -2.17 -0.75 -3.97
C LEU A 183 -1.12 -1.56 -4.72
N PHE A 184 -1.48 -2.76 -5.20
CA PHE A 184 -0.54 -3.49 -6.06
C PHE A 184 -0.26 -2.65 -7.33
N MET A 185 -1.17 -1.74 -7.65
CA MET A 185 -1.00 -0.85 -8.81
C MET A 185 0.13 0.13 -8.57
N SER A 186 0.41 0.38 -7.30
CA SER A 186 1.57 1.18 -6.92
C SER A 186 2.83 0.32 -6.82
N THR A 187 2.76 -0.79 -6.09
CA THR A 187 3.95 -1.61 -5.81
C THR A 187 4.45 -2.41 -7.03
N GLN A 188 3.52 -2.93 -7.82
CA GLN A 188 3.87 -3.72 -9.01
C GLN A 188 3.91 -2.86 -10.26
N VAL A 189 2.85 -2.11 -10.51
CA VAL A 189 2.71 -1.36 -11.77
C VAL A 189 3.47 -0.04 -11.72
N GLY A 190 3.64 0.50 -10.51
CA GLY A 190 4.43 1.70 -10.31
C GLY A 190 3.65 3.00 -10.39
N LEU A 191 2.32 2.95 -10.32
CA LEU A 191 1.55 4.17 -10.17
C LEU A 191 1.85 4.77 -8.80
N ARG A 192 1.76 6.08 -8.69
CA ARG A 192 2.00 6.74 -7.43
C ARG A 192 0.91 7.78 -7.16
N HIS A 193 0.80 8.22 -5.91
CA HIS A 193 -0.22 9.20 -5.58
C HIS A 193 -0.04 10.47 -6.40
N GLY A 194 -1.16 11.03 -6.87
CA GLY A 194 -1.13 12.37 -7.45
C GLY A 194 -2.20 12.68 -8.48
N ARG A 195 -2.49 13.98 -8.61
CA ARG A 195 -3.48 14.48 -9.55
C ARG A 195 -3.02 14.34 -11.01
N HIS A 196 -1.77 13.94 -11.20
CA HIS A 196 -1.23 13.67 -12.53
C HIS A 196 -1.90 12.44 -13.17
N ASN A 197 -2.41 11.52 -12.34
CA ASN A 197 -3.03 10.29 -12.83
C ASN A 197 -4.28 10.52 -13.68
N VAL A 198 -4.23 10.08 -14.94
CA VAL A 198 -5.40 10.05 -15.83
C VAL A 198 -5.55 8.61 -16.35
N VAL A 199 -6.58 7.93 -15.86
CA VAL A 199 -6.74 6.50 -16.08
C VAL A 199 -7.85 6.21 -17.08
N LEU A 200 -7.54 5.46 -18.13
CA LEU A 200 -8.56 5.08 -19.12
C LEU A 200 -9.38 3.89 -18.60
N GLY A 201 -10.69 4.10 -18.47
CA GLY A 201 -11.57 3.07 -17.92
C GLY A 201 -12.06 2.05 -18.95
N LEU A 202 -11.11 1.36 -19.59
CA LEU A 202 -11.45 0.34 -20.59
C LEU A 202 -12.09 -0.91 -19.99
N MET A 203 -11.61 -1.32 -18.83
CA MET A 203 -12.03 -2.59 -18.24
C MET A 203 -13.41 -2.53 -17.61
N PRO A 204 -14.22 -3.59 -17.81
CA PRO A 204 -15.56 -3.67 -17.21
C PRO A 204 -15.54 -3.47 -15.72
N LEU A 205 -16.49 -2.68 -15.22
CA LEU A 205 -16.63 -2.44 -13.78
C LEU A 205 -17.14 -3.67 -13.02
N TYR A 206 -17.77 -4.60 -13.73
CA TYR A 206 -18.35 -5.79 -13.08
C TYR A 206 -17.35 -6.94 -12.91
N HIS A 207 -16.07 -6.66 -13.18
CA HIS A 207 -14.98 -7.56 -12.81
C HIS A 207 -13.95 -6.83 -11.93
N VAL A 208 -13.21 -7.58 -11.14
CA VAL A 208 -12.35 -6.99 -10.11
C VAL A 208 -11.27 -6.04 -10.65
N VAL A 209 -10.79 -6.31 -11.86
CA VAL A 209 -9.77 -5.44 -12.47
C VAL A 209 -10.37 -4.06 -12.74
N GLY A 210 -11.44 -4.04 -13.53
CA GLY A 210 -12.10 -2.78 -13.89
C GLY A 210 -12.58 -2.02 -12.68
N PHE A 211 -13.01 -2.75 -11.64
CA PHE A 211 -13.45 -2.08 -10.40
C PHE A 211 -12.31 -1.58 -9.49
N PHE A 212 -11.56 -2.50 -8.88
CA PHE A 212 -10.53 -2.12 -7.90
C PHE A 212 -9.28 -1.49 -8.52
N ALA A 213 -8.74 -2.15 -9.53
CA ALA A 213 -7.42 -1.80 -10.07
C ALA A 213 -7.50 -0.60 -11.03
N VAL A 214 -8.69 -0.33 -11.55
CA VAL A 214 -8.87 0.76 -12.50
C VAL A 214 -9.66 1.93 -11.89
N LEU A 215 -10.94 1.72 -11.63
CA LEU A 215 -11.78 2.80 -11.09
C LEU A 215 -11.32 3.26 -9.70
N VAL A 216 -11.34 2.35 -8.73
CA VAL A 216 -11.03 2.71 -7.34
C VAL A 216 -9.61 3.27 -7.25
N ALA A 217 -8.63 2.59 -7.87
CA ALA A 217 -7.25 3.06 -7.86
C ALA A 217 -7.09 4.47 -8.46
N ALA A 218 -7.78 4.76 -9.55
CA ALA A 218 -7.69 6.09 -10.20
C ALA A 218 -8.14 7.19 -9.23
N LEU A 219 -9.28 6.96 -8.59
CA LEU A 219 -9.85 7.96 -7.69
C LEU A 219 -9.09 7.98 -6.37
N ALA A 220 -8.72 6.80 -5.85
CA ALA A 220 -8.01 6.71 -4.56
C ALA A 220 -6.65 7.40 -4.58
N LEU A 221 -6.07 7.49 -5.78
CA LEU A 221 -4.78 8.16 -5.98
C LEU A 221 -4.94 9.64 -6.32
N ASP A 222 -6.17 10.15 -6.17
CA ASP A 222 -6.51 11.58 -6.41
C ASP A 222 -6.45 11.97 -7.88
N GLY A 223 -6.61 11.00 -8.77
CA GLY A 223 -6.61 11.25 -10.21
C GLY A 223 -7.97 11.23 -10.86
N THR A 224 -7.96 11.04 -12.18
CA THR A 224 -9.16 11.09 -13.03
C THR A 224 -9.45 9.72 -13.64
N TYR A 225 -10.72 9.30 -13.58
CA TYR A 225 -11.17 8.12 -14.31
C TYR A 225 -11.92 8.55 -15.57
N VAL A 226 -11.42 8.12 -16.73
CA VAL A 226 -12.09 8.43 -17.99
C VAL A 226 -13.02 7.30 -18.35
N VAL A 227 -14.31 7.60 -18.32
CA VAL A 227 -15.35 6.62 -18.60
C VAL A 227 -15.35 6.22 -20.08
N VAL A 228 -15.41 4.91 -20.35
CA VAL A 228 -15.53 4.36 -21.71
C VAL A 228 -16.78 3.45 -21.75
N GLU A 229 -17.77 3.85 -22.52
CA GLU A 229 -19.05 3.12 -22.56
C GLU A 229 -19.02 1.96 -23.55
N GLU A 230 -18.21 2.09 -24.59
CA GLU A 230 -18.10 1.10 -25.64
C GLU A 230 -16.67 1.14 -26.17
N PHE A 231 -16.05 -0.02 -26.31
CA PHE A 231 -14.67 -0.10 -26.75
C PHE A 231 -14.56 0.03 -28.26
N ARG A 232 -13.90 1.09 -28.71
CA ARG A 232 -13.58 1.33 -30.11
C ARG A 232 -12.12 1.78 -30.13
N PRO A 233 -11.21 0.91 -30.60
CA PRO A 233 -9.77 1.14 -30.42
C PRO A 233 -9.24 2.44 -31.03
N VAL A 234 -9.79 2.89 -32.17
CA VAL A 234 -9.36 4.14 -32.77
C VAL A 234 -9.77 5.33 -31.89
N ASP A 235 -11.03 5.31 -31.43
CA ASP A 235 -11.55 6.33 -30.53
C ASP A 235 -10.80 6.33 -29.20
N ALA A 236 -10.44 5.13 -28.74
CA ALA A 236 -9.67 4.96 -27.51
C ALA A 236 -8.31 5.69 -27.55
N LEU A 237 -7.58 5.52 -28.66
CA LEU A 237 -6.30 6.19 -28.83
C LEU A 237 -6.48 7.70 -28.93
N GLN A 238 -7.59 8.14 -29.53
CA GLN A 238 -7.91 9.56 -29.60
C GLN A 238 -8.18 10.13 -28.21
N LEU A 239 -8.85 9.35 -27.34
CA LEU A 239 -9.03 9.73 -25.93
C LEU A 239 -7.73 9.85 -25.16
N VAL A 240 -6.79 8.94 -25.42
CA VAL A 240 -5.49 9.00 -24.77
C VAL A 240 -4.83 10.36 -25.02
N GLN A 241 -4.90 10.80 -26.27
CA GLN A 241 -4.31 12.08 -26.68
C GLN A 241 -5.11 13.24 -26.09
N GLN A 242 -6.43 13.15 -26.25
CA GLN A 242 -7.36 14.20 -25.86
C GLN A 242 -7.43 14.43 -24.35
N GLU A 243 -7.51 13.34 -23.58
CA GLU A 243 -7.59 13.42 -22.12
C GLU A 243 -6.22 13.41 -21.44
N GLN A 244 -5.18 13.19 -22.25
CA GLN A 244 -3.81 13.02 -21.75
C GLN A 244 -3.71 11.86 -20.75
N VAL A 245 -4.23 10.69 -21.17
CA VAL A 245 -4.20 9.47 -20.38
C VAL A 245 -2.76 9.06 -20.05
N THR A 246 -2.51 8.77 -18.77
CA THR A 246 -1.18 8.36 -18.32
C THR A 246 -1.07 6.84 -18.13
N SER A 247 -2.19 6.17 -17.89
CA SER A 247 -2.13 4.72 -17.74
C SER A 247 -3.36 4.01 -18.26
N LEU A 248 -3.12 2.86 -18.88
CA LEU A 248 -4.21 2.02 -19.34
C LEU A 248 -3.92 0.55 -19.04
N PHE A 249 -4.94 -0.12 -18.52
CA PHE A 249 -4.84 -1.47 -18.02
C PHE A 249 -5.95 -2.23 -18.74
N ALA A 250 -5.59 -3.19 -19.58
CA ALA A 250 -6.61 -3.92 -20.34
C ALA A 250 -6.21 -5.37 -20.62
N THR A 251 -7.09 -6.13 -21.28
CA THR A 251 -6.78 -7.53 -21.62
C THR A 251 -5.82 -7.59 -22.79
N PRO A 252 -5.13 -8.73 -22.97
CA PRO A 252 -4.39 -8.90 -24.23
C PRO A 252 -5.28 -8.69 -25.47
N THR A 253 -6.57 -9.02 -25.38
CA THR A 253 -7.54 -8.82 -26.48
C THR A 253 -7.66 -7.33 -26.84
N HIS A 254 -7.90 -6.50 -25.82
CA HIS A 254 -7.91 -5.05 -25.95
C HIS A 254 -6.63 -4.55 -26.60
N LEU A 255 -5.49 -5.02 -26.10
CA LEU A 255 -4.21 -4.48 -26.51
C LEU A 255 -3.80 -4.91 -27.91
N ASP A 256 -4.23 -6.10 -28.32
CA ASP A 256 -4.08 -6.54 -29.72
C ASP A 256 -4.83 -5.56 -30.65
N ALA A 257 -6.06 -5.21 -30.27
CA ALA A 257 -6.86 -4.24 -31.03
C ALA A 257 -6.27 -2.83 -30.99
N LEU A 258 -5.76 -2.42 -29.83
CA LEU A 258 -5.17 -1.09 -29.66
C LEU A 258 -3.86 -0.93 -30.42
N ALA A 259 -2.99 -1.93 -30.34
CA ALA A 259 -1.69 -1.89 -31.02
C ALA A 259 -1.88 -1.90 -32.53
N ALA A 260 -2.90 -2.62 -33.01
CA ALA A 260 -3.23 -2.66 -34.43
C ALA A 260 -3.71 -1.29 -34.89
N ALA A 261 -4.56 -0.64 -34.09
CA ALA A 261 -5.05 0.70 -34.41
C ALA A 261 -3.90 1.69 -34.41
N ALA A 262 -3.02 1.57 -33.41
CA ALA A 262 -1.80 2.39 -33.32
C ALA A 262 -0.92 2.28 -34.57
N ALA A 263 -0.65 1.05 -34.98
CA ALA A 263 0.13 0.78 -36.19
C ALA A 263 -0.54 1.41 -37.41
N HIS A 264 -1.86 1.25 -37.51
CA HIS A 264 -2.62 1.78 -38.63
C HIS A 264 -2.73 3.30 -38.67
N ALA A 265 -2.47 3.95 -37.53
CA ALA A 265 -2.47 5.42 -37.44
C ALA A 265 -1.31 6.07 -38.20
N GLY A 266 -0.31 5.26 -38.57
CA GLY A 266 0.83 5.73 -39.38
C GLY A 266 1.99 6.26 -38.55
N SER A 267 3.05 6.66 -39.23
CA SER A 267 4.31 7.04 -38.58
C SER A 267 4.25 8.31 -37.70
N SER A 268 3.19 9.11 -37.89
CA SER A 268 3.03 10.38 -37.16
C SER A 268 2.41 10.23 -35.76
N LEU A 269 1.86 9.06 -35.46
CA LEU A 269 1.17 8.87 -34.19
C LEU A 269 2.06 9.14 -32.97
N LYS A 270 1.58 10.03 -32.10
CA LYS A 270 2.23 10.32 -30.84
C LYS A 270 1.19 10.18 -29.70
N LEU A 271 1.53 9.35 -28.72
CA LEU A 271 0.72 9.12 -27.52
C LEU A 271 1.59 9.42 -26.29
N ASP A 272 2.13 10.63 -26.25
CA ASP A 272 3.17 11.05 -25.30
C ASP A 272 2.82 10.99 -23.82
N SER A 273 1.54 11.11 -23.48
CA SER A 273 1.14 11.11 -22.06
C SER A 273 1.14 9.73 -21.43
N LEU A 274 0.99 8.70 -22.28
CA LEU A 274 0.85 7.32 -21.82
C LEU A 274 2.17 6.78 -21.26
N ARG A 275 2.18 6.50 -19.95
CA ARG A 275 3.39 6.08 -19.25
C ARG A 275 3.34 4.62 -18.80
N HIS A 276 2.14 4.03 -18.82
CA HIS A 276 1.91 2.67 -18.32
C HIS A 276 0.91 1.92 -19.19
N VAL A 277 1.32 0.76 -19.71
CA VAL A 277 0.41 -0.15 -20.41
C VAL A 277 0.51 -1.49 -19.71
N THR A 278 -0.58 -1.86 -19.03
CA THR A 278 -0.63 -3.01 -18.14
C THR A 278 -1.62 -3.99 -18.73
N PHE A 279 -1.33 -5.29 -18.59
CA PHE A 279 -2.23 -6.33 -19.11
C PHE A 279 -2.49 -7.47 -18.13
N ALA A 280 -3.73 -7.97 -18.16
CA ALA A 280 -4.18 -9.07 -17.30
C ALA A 280 -5.44 -9.69 -17.89
N GLY A 281 -5.80 -10.88 -17.39
CA GLY A 281 -7.09 -11.49 -17.72
C GLY A 281 -6.93 -12.82 -18.43
N ALA A 282 -5.79 -13.00 -19.08
CA ALA A 282 -5.50 -14.18 -19.88
C ALA A 282 -4.00 -14.21 -20.15
N THR A 283 -3.51 -15.34 -20.67
CA THR A 283 -2.13 -15.39 -21.14
C THR A 283 -1.96 -14.37 -22.27
N MET A 284 -0.96 -13.52 -22.11
CA MET A 284 -0.55 -12.57 -23.13
C MET A 284 0.16 -13.36 -24.25
N PRO A 285 -0.48 -13.44 -25.45
CA PRO A 285 0.20 -14.10 -26.56
C PRO A 285 1.49 -13.37 -26.94
N ASP A 286 2.52 -14.12 -27.33
CA ASP A 286 3.81 -13.52 -27.67
C ASP A 286 3.69 -12.58 -28.86
N ALA A 287 2.83 -12.92 -29.83
CA ALA A 287 2.60 -12.09 -31.01
C ALA A 287 1.99 -10.75 -30.64
N VAL A 288 1.04 -10.76 -29.69
CA VAL A 288 0.42 -9.53 -29.18
C VAL A 288 1.45 -8.72 -28.41
N LEU A 289 2.25 -9.40 -27.59
CA LEU A 289 3.28 -8.73 -26.79
C LEU A 289 4.26 -7.97 -27.71
N GLU A 290 4.65 -8.60 -28.82
CA GLU A 290 5.50 -7.93 -29.81
C GLU A 290 4.85 -6.67 -30.37
N THR A 291 3.60 -6.75 -30.83
CA THR A 291 2.91 -5.57 -31.37
C THR A 291 2.76 -4.46 -30.33
N VAL A 292 2.45 -4.86 -29.10
CA VAL A 292 2.34 -3.91 -27.97
C VAL A 292 3.69 -3.24 -27.68
N HIS A 293 4.77 -4.03 -27.67
CA HIS A 293 6.13 -3.49 -27.47
C HIS A 293 6.51 -2.52 -28.58
N GLN A 294 6.09 -2.84 -29.81
CA GLN A 294 6.50 -2.09 -30.99
C GLN A 294 5.62 -0.88 -31.34
N HIS A 295 4.35 -0.89 -30.92
CA HIS A 295 3.41 0.14 -31.37
C HIS A 295 2.79 1.02 -30.28
N LEU A 296 3.00 0.67 -29.01
CA LEU A 296 2.46 1.46 -27.90
C LEU A 296 3.59 1.87 -26.94
N PRO A 297 3.54 3.12 -26.44
CA PRO A 297 4.54 3.63 -25.49
C PRO A 297 4.26 3.18 -24.05
N GLY A 298 5.11 3.64 -23.13
CA GLY A 298 4.94 3.36 -21.71
C GLY A 298 5.62 2.08 -21.27
N GLU A 299 5.76 1.91 -19.95
CA GLU A 299 6.27 0.66 -19.41
C GLU A 299 5.19 -0.40 -19.53
N LYS A 300 5.59 -1.56 -20.04
CA LYS A 300 4.71 -2.70 -20.20
C LYS A 300 4.83 -3.57 -18.99
N VAL A 301 3.69 -3.88 -18.36
CA VAL A 301 3.68 -4.78 -17.20
C VAL A 301 2.61 -5.85 -17.37
N ASN A 302 3.01 -7.12 -17.24
CA ASN A 302 2.07 -8.25 -17.19
C ASN A 302 1.64 -8.48 -15.75
N ILE A 303 0.33 -8.56 -15.52
CA ILE A 303 -0.22 -8.76 -14.19
C ILE A 303 -1.02 -10.06 -14.20
N TYR A 304 -0.54 -11.06 -13.46
CA TYR A 304 -1.31 -12.28 -13.29
C TYR A 304 -2.19 -12.12 -12.05
N GLY A 305 -3.46 -12.49 -12.17
CA GLY A 305 -4.34 -12.49 -11.01
C GLY A 305 -5.63 -13.26 -11.22
N THR A 306 -6.45 -13.25 -10.17
CA THR A 306 -7.69 -14.01 -10.13
C THR A 306 -8.73 -13.13 -9.40
N THR A 307 -10.01 -13.41 -9.64
CA THR A 307 -11.09 -12.76 -8.91
C THR A 307 -10.95 -12.99 -7.41
N GLU A 308 -10.57 -14.21 -7.06
CA GLU A 308 -10.50 -14.68 -5.69
C GLU A 308 -9.35 -14.08 -4.87
N ALA A 309 -8.21 -13.83 -5.49
CA ALA A 309 -7.03 -13.36 -4.75
C ALA A 309 -6.33 -12.14 -5.35
N MET A 310 -6.86 -11.62 -6.46
CA MET A 310 -6.29 -10.45 -7.12
C MET A 310 -4.88 -10.76 -7.64
N ASN A 311 -3.92 -9.86 -7.47
CA ASN A 311 -2.60 -9.99 -8.10
C ASN A 311 -1.68 -11.00 -7.40
N SER A 312 -1.16 -11.97 -8.16
CA SER A 312 -0.24 -12.96 -7.58
C SER A 312 1.14 -13.03 -8.24
N LEU A 313 1.23 -12.61 -9.50
CA LEU A 313 2.49 -12.57 -10.23
C LEU A 313 2.50 -11.38 -11.17
N TYR A 314 3.70 -10.93 -11.53
CA TYR A 314 3.86 -9.81 -12.48
C TYR A 314 5.20 -9.88 -13.19
N MET A 315 5.34 -9.08 -14.24
CA MET A 315 6.60 -8.93 -14.94
C MET A 315 6.67 -7.57 -15.60
N ARG A 316 7.74 -6.84 -15.32
CA ARG A 316 7.98 -5.56 -15.99
C ARG A 316 8.75 -5.82 -17.26
N GLN A 317 8.43 -5.05 -18.30
CA GLN A 317 9.03 -5.21 -19.63
C GLN A 317 9.21 -6.69 -20.01
N PRO A 318 8.10 -7.46 -20.00
CA PRO A 318 8.21 -8.89 -20.28
C PRO A 318 8.77 -9.19 -21.67
N LYS A 319 9.55 -10.27 -21.75
CA LYS A 319 10.07 -10.74 -23.04
C LYS A 319 9.16 -11.83 -23.60
N THR A 320 8.51 -12.57 -22.70
CA THR A 320 7.46 -13.53 -23.07
C THR A 320 6.21 -13.26 -22.22
N GLY A 321 5.07 -13.78 -22.69
CA GLY A 321 3.80 -13.60 -21.99
C GLY A 321 3.57 -14.56 -20.83
N THR A 322 4.31 -15.67 -20.80
CA THR A 322 4.08 -16.73 -19.81
C THR A 322 4.84 -16.56 -18.49
N GLU A 323 5.92 -15.78 -18.50
CA GLU A 323 6.88 -15.75 -17.39
C GLU A 323 6.68 -14.55 -16.47
N MET A 324 6.47 -14.82 -15.20
CA MET A 324 6.20 -13.80 -14.19
C MET A 324 6.74 -14.21 -12.80
N ALA A 325 6.67 -13.29 -11.83
CA ALA A 325 7.16 -13.56 -10.49
C ALA A 325 6.27 -12.86 -9.47
N PRO A 326 6.17 -13.42 -8.23
CA PRO A 326 5.37 -12.77 -7.19
C PRO A 326 5.87 -11.39 -6.79
N GLY A 327 4.95 -10.46 -6.57
CA GLY A 327 5.29 -9.12 -6.11
C GLY A 327 4.81 -8.88 -4.68
N PHE A 328 4.77 -7.61 -4.27
CA PHE A 328 4.26 -7.25 -2.96
C PHE A 328 2.88 -7.82 -2.68
N PHE A 329 2.67 -8.25 -1.43
CA PHE A 329 1.45 -8.88 -0.92
C PHE A 329 1.45 -10.41 -1.11
N SER A 330 2.22 -10.88 -2.09
CA SER A 330 2.04 -12.22 -2.62
C SER A 330 3.00 -13.27 -2.10
N GLU A 331 2.47 -14.47 -1.91
CA GLU A 331 3.25 -15.67 -1.60
C GLU A 331 2.64 -16.76 -2.46
N VAL A 332 3.50 -17.51 -3.17
CA VAL A 332 3.03 -18.51 -4.11
C VAL A 332 3.79 -19.83 -3.96
N ARG A 333 3.17 -20.90 -4.48
CA ARG A 333 3.72 -22.26 -4.50
C ARG A 333 3.17 -22.99 -5.69
N ILE A 334 3.92 -23.98 -6.16
CA ILE A 334 3.47 -24.90 -7.21
C ILE A 334 3.42 -26.30 -6.62
N VAL A 335 2.22 -26.88 -6.58
CA VAL A 335 2.00 -28.17 -5.92
C VAL A 335 1.49 -29.26 -6.88
N ARG A 336 1.71 -30.52 -6.50
CA ARG A 336 1.23 -31.66 -7.27
C ARG A 336 -0.25 -31.47 -7.59
N ILE A 337 -0.61 -31.61 -8.87
CA ILE A 337 -2.00 -31.50 -9.30
C ILE A 337 -2.83 -32.57 -8.59
N GLY A 338 -3.86 -32.14 -7.87
CA GLY A 338 -4.70 -33.06 -7.09
C GLY A 338 -4.18 -33.33 -5.68
N GLY A 339 -2.97 -32.86 -5.39
CA GLY A 339 -2.35 -33.08 -4.09
C GLY A 339 -2.61 -31.96 -3.09
N GLY A 340 -2.11 -32.16 -1.87
CA GLY A 340 -2.24 -31.16 -0.82
C GLY A 340 -1.36 -29.93 -1.02
N VAL A 341 -1.66 -28.88 -0.27
CA VAL A 341 -0.99 -27.58 -0.38
C VAL A 341 0.50 -27.63 -0.03
N ASP A 342 0.92 -28.70 0.66
CA ASP A 342 2.32 -28.84 1.05
C ASP A 342 3.11 -29.76 0.12
N GLU A 343 2.42 -30.34 -0.86
CA GLU A 343 3.06 -31.25 -1.83
C GLU A 343 3.74 -30.47 -2.96
N ILE A 344 4.79 -29.72 -2.62
CA ILE A 344 5.48 -28.88 -3.60
C ILE A 344 6.26 -29.70 -4.63
N VAL A 345 6.15 -29.31 -5.90
CA VAL A 345 6.78 -30.06 -7.00
C VAL A 345 8.30 -29.93 -7.01
N ALA A 346 8.97 -30.84 -7.72
CA ALA A 346 10.43 -30.84 -7.82
C ALA A 346 10.92 -29.93 -8.94
N ASN A 347 12.22 -29.62 -8.91
CA ASN A 347 12.94 -28.81 -9.91
C ASN A 347 12.09 -28.04 -10.94
N GLY A 348 11.80 -28.69 -12.06
CA GLY A 348 11.01 -28.10 -13.15
C GLY A 348 9.81 -28.95 -13.53
N GLU A 349 9.20 -29.56 -12.52
CA GLU A 349 8.01 -30.38 -12.66
C GLU A 349 6.78 -29.47 -12.66
N GLU A 350 5.80 -29.80 -13.49
CA GLU A 350 4.55 -29.03 -13.57
C GLU A 350 3.64 -29.33 -12.39
N GLY A 351 2.93 -28.30 -11.93
CA GLY A 351 1.89 -28.50 -10.93
C GLY A 351 0.87 -27.39 -10.96
N GLU A 352 0.03 -27.35 -9.94
CA GLU A 352 -0.94 -26.29 -9.81
C GLU A 352 -0.33 -25.13 -9.02
N LEU A 353 -0.41 -23.94 -9.61
CA LEU A 353 -0.06 -22.74 -8.89
C LEU A 353 -1.11 -22.50 -7.80
N ILE A 354 -0.65 -22.36 -6.56
CA ILE A 354 -1.52 -21.97 -5.45
C ILE A 354 -0.95 -20.71 -4.80
N VAL A 355 -1.85 -19.85 -4.30
CA VAL A 355 -1.43 -18.56 -3.74
C VAL A 355 -1.98 -18.39 -2.33
N ALA A 356 -1.20 -17.79 -1.44
CA ALA A 356 -1.64 -17.60 -0.05
C ALA A 356 -2.89 -16.73 -0.03
N ALA A 357 -3.88 -17.15 0.76
CA ALA A 357 -5.10 -16.39 0.92
C ALA A 357 -4.90 -15.48 2.13
N SER A 358 -4.56 -14.22 1.85
CA SER A 358 -4.34 -13.23 2.90
C SER A 358 -5.35 -12.10 2.77
N ASP A 359 -4.97 -10.87 3.11
CA ASP A 359 -5.90 -9.71 3.06
C ASP A 359 -6.72 -9.57 1.78
N SER A 360 -6.09 -9.79 0.62
CA SER A 360 -6.75 -9.57 -0.67
C SER A 360 -7.80 -10.62 -1.01
N ALA A 361 -7.76 -11.75 -0.30
CA ALA A 361 -8.53 -12.92 -0.71
C ALA A 361 -10.02 -12.81 -0.40
N PHE A 362 -10.79 -13.44 -1.28
CA PHE A 362 -12.22 -13.62 -1.06
C PHE A 362 -12.39 -14.50 0.17
N VAL A 363 -13.56 -14.46 0.78
CA VAL A 363 -13.81 -15.24 1.99
C VAL A 363 -14.74 -16.44 1.74
N GLY A 364 -15.00 -16.73 0.47
CA GLY A 364 -15.83 -17.86 0.10
C GLY A 364 -16.79 -17.49 -1.01
N TYR A 365 -17.44 -18.51 -1.58
CA TYR A 365 -18.47 -18.30 -2.60
C TYR A 365 -19.83 -18.32 -1.91
N LEU A 366 -20.65 -17.32 -2.22
CA LEU A 366 -21.96 -17.19 -1.58
C LEU A 366 -22.78 -18.47 -1.71
N ASN A 367 -23.13 -19.03 -0.57
CA ASN A 367 -23.99 -20.23 -0.47
C ASN A 367 -23.40 -21.49 -1.11
N GLN A 368 -22.08 -21.52 -1.31
CA GLN A 368 -21.44 -22.69 -1.94
C GLN A 368 -20.22 -23.17 -1.15
N PRO A 369 -20.47 -23.87 -0.02
CA PRO A 369 -19.43 -24.33 0.90
C PRO A 369 -18.53 -25.41 0.31
N GLN A 370 -19.09 -26.22 -0.58
CA GLN A 370 -18.34 -27.27 -1.26
C GLN A 370 -17.35 -26.66 -2.26
N ALA A 371 -17.83 -25.70 -3.05
CA ALA A 371 -16.98 -25.02 -4.02
C ALA A 371 -15.87 -24.23 -3.32
N THR A 372 -16.21 -23.63 -2.19
CA THR A 372 -15.24 -22.91 -1.37
C THR A 372 -14.16 -23.84 -0.82
N ALA A 373 -14.55 -24.98 -0.26
CA ALA A 373 -13.60 -25.95 0.30
C ALA A 373 -12.63 -26.52 -0.73
N GLU A 374 -13.07 -26.58 -1.98
CA GLU A 374 -12.22 -27.03 -3.08
C GLU A 374 -11.14 -25.99 -3.46
N LYS A 375 -11.47 -24.73 -3.24
CA LYS A 375 -10.62 -23.61 -3.67
C LYS A 375 -9.79 -22.97 -2.55
N LEU A 376 -10.33 -22.97 -1.33
CA LEU A 376 -9.66 -22.40 -0.17
C LEU A 376 -9.26 -23.52 0.77
N GLN A 377 -7.97 -23.86 0.78
CA GLN A 377 -7.45 -24.98 1.56
C GLN A 377 -6.22 -24.61 2.37
N ASP A 378 -6.33 -24.81 3.69
CA ASP A 378 -5.21 -24.60 4.61
C ASP A 378 -4.49 -23.26 4.41
N GLY A 379 -5.28 -22.20 4.18
CA GLY A 379 -4.74 -20.84 4.01
C GLY A 379 -4.27 -20.50 2.61
N TRP A 380 -4.55 -21.38 1.65
CA TRP A 380 -4.14 -21.19 0.27
C TRP A 380 -5.34 -21.16 -0.67
N TYR A 381 -5.23 -20.36 -1.73
CA TYR A 381 -6.21 -20.39 -2.81
C TYR A 381 -5.66 -21.17 -4.00
N ARG A 382 -6.46 -22.08 -4.54
CA ARG A 382 -6.03 -22.94 -5.64
C ARG A 382 -6.49 -22.36 -6.99
N THR A 383 -5.54 -21.92 -7.81
CA THR A 383 -5.85 -21.13 -9.01
C THR A 383 -6.44 -21.93 -10.17
N SER A 384 -6.21 -23.24 -10.18
CA SER A 384 -6.50 -24.12 -11.33
C SER A 384 -5.65 -23.78 -12.56
N ASP A 385 -4.54 -23.08 -12.34
CA ASP A 385 -3.58 -22.79 -13.40
C ASP A 385 -2.38 -23.72 -13.28
N VAL A 386 -2.00 -24.29 -14.41
CA VAL A 386 -0.80 -25.13 -14.48
C VAL A 386 0.41 -24.22 -14.60
N ALA A 387 1.43 -24.50 -13.78
CA ALA A 387 2.64 -23.69 -13.77
C ALA A 387 3.92 -24.50 -13.53
N VAL A 388 5.05 -23.92 -13.94
CA VAL A 388 6.35 -24.49 -13.67
C VAL A 388 7.32 -23.38 -13.19
N TRP A 389 8.27 -23.76 -12.32
CA TRP A 389 9.41 -22.90 -11.97
C TRP A 389 10.47 -23.01 -13.04
N THR A 390 11.00 -21.87 -13.47
CA THR A 390 12.06 -21.84 -14.47
C THR A 390 13.44 -21.95 -13.79
N PRO A 391 14.49 -22.34 -14.53
CA PRO A 391 15.85 -22.25 -13.98
C PRO A 391 16.21 -20.84 -13.50
N GLU A 392 15.55 -19.83 -14.06
CA GLU A 392 15.70 -18.44 -13.61
C GLU A 392 15.06 -18.19 -12.24
N GLY A 393 14.22 -19.12 -11.79
CA GLY A 393 13.49 -18.98 -10.53
C GLY A 393 12.18 -18.21 -10.65
N THR A 394 11.70 -18.02 -11.88
CA THR A 394 10.41 -17.37 -12.13
C THR A 394 9.32 -18.43 -12.39
N VAL A 395 8.08 -17.97 -12.50
CA VAL A 395 6.94 -18.85 -12.74
C VAL A 395 6.48 -18.73 -14.19
N ARG A 396 6.37 -19.88 -14.87
CA ARG A 396 5.78 -19.95 -16.20
C ARG A 396 4.36 -20.51 -16.14
N ILE A 397 3.37 -19.70 -16.55
CA ILE A 397 1.97 -20.12 -16.63
C ILE A 397 1.74 -20.89 -17.94
N LEU A 398 1.28 -22.14 -17.84
CA LEU A 398 1.23 -23.03 -19.01
C LEU A 398 -0.18 -23.24 -19.57
N GLY A 399 -1.19 -23.14 -18.72
CA GLY A 399 -2.56 -23.42 -19.12
C GLY A 399 -3.42 -23.78 -17.92
N ARG A 400 -4.59 -24.33 -18.17
CA ARG A 400 -5.53 -24.66 -17.11
C ARG A 400 -5.43 -26.12 -16.65
N VAL A 401 -5.67 -26.34 -15.37
CA VAL A 401 -5.83 -27.69 -14.84
C VAL A 401 -7.17 -28.26 -15.32
N ASP A 402 -8.20 -27.41 -15.31
CA ASP A 402 -9.54 -27.80 -15.74
C ASP A 402 -9.70 -27.56 -17.25
N ASP A 403 -10.93 -27.57 -17.73
CA ASP A 403 -11.17 -27.35 -19.15
C ASP A 403 -11.61 -25.92 -19.46
N MET A 404 -11.38 -25.00 -18.52
CA MET A 404 -11.83 -23.63 -18.67
C MET A 404 -11.19 -22.99 -19.90
N ILE A 405 -12.03 -22.34 -20.70
CA ILE A 405 -11.59 -21.56 -21.85
C ILE A 405 -11.57 -20.09 -21.44
N ILE A 406 -10.57 -19.34 -21.88
CA ILE A 406 -10.48 -17.91 -21.62
C ILE A 406 -10.44 -17.11 -22.93
N SER A 407 -11.55 -16.42 -23.20
CA SER A 407 -11.76 -15.72 -24.45
C SER A 407 -12.06 -14.27 -24.08
N GLY A 408 -11.30 -13.34 -24.63
CA GLY A 408 -11.46 -11.93 -24.28
C GLY A 408 -11.29 -11.63 -22.80
N GLY A 409 -10.53 -12.48 -22.10
CA GLY A 409 -10.31 -12.33 -20.65
C GLY A 409 -11.47 -12.81 -19.80
N GLU A 410 -12.41 -13.51 -20.43
CA GLU A 410 -13.59 -14.05 -19.76
C GLU A 410 -13.44 -15.57 -19.63
N ASN A 411 -13.67 -16.08 -18.41
CA ASN A 411 -13.69 -17.52 -18.20
C ASN A 411 -14.99 -18.12 -18.72
N ILE A 412 -14.88 -19.09 -19.63
CA ILE A 412 -16.05 -19.79 -20.16
C ILE A 412 -15.77 -21.29 -20.04
N HIS A 413 -16.65 -22.01 -19.37
CA HIS A 413 -16.48 -23.46 -19.28
C HIS A 413 -17.20 -24.12 -20.44
N PRO A 414 -16.57 -25.12 -21.10
CA PRO A 414 -17.14 -25.80 -22.26
C PRO A 414 -18.51 -26.41 -21.99
N SER A 415 -18.76 -26.83 -20.75
CA SER A 415 -20.04 -27.44 -20.41
C SER A 415 -21.23 -26.51 -20.63
N GLU A 416 -21.05 -25.21 -20.36
CA GLU A 416 -22.11 -24.22 -20.62
C GLU A 416 -22.66 -24.37 -22.04
N ILE A 417 -21.75 -24.41 -23.01
CA ILE A 417 -22.08 -24.46 -24.43
C ILE A 417 -22.50 -25.87 -24.88
N GLU A 418 -21.84 -26.90 -24.33
CA GLU A 418 -22.18 -28.30 -24.61
C GLU A 418 -23.61 -28.65 -24.15
N ARG A 419 -24.00 -28.14 -22.98
CA ARG A 419 -25.36 -28.32 -22.45
C ARG A 419 -26.40 -27.80 -23.45
N VAL A 420 -26.14 -26.60 -23.99
CA VAL A 420 -27.05 -26.00 -24.97
C VAL A 420 -27.01 -26.75 -26.30
N LEU A 421 -25.84 -26.87 -26.90
CA LEU A 421 -25.73 -27.44 -28.24
C LEU A 421 -26.15 -28.90 -28.32
N GLY A 422 -26.07 -29.60 -27.18
CA GLY A 422 -26.51 -30.99 -27.09
C GLY A 422 -28.01 -31.18 -27.29
N THR A 423 -28.78 -30.11 -27.16
CA THR A 423 -30.22 -30.16 -27.40
C THR A 423 -30.61 -29.61 -28.77
N ALA A 424 -29.65 -29.07 -29.50
CA ALA A 424 -29.92 -28.59 -30.87
C ALA A 424 -30.33 -29.76 -31.76
N PRO A 425 -31.42 -29.60 -32.54
CA PRO A 425 -31.84 -30.71 -33.38
C PRO A 425 -30.71 -31.19 -34.30
N GLY A 426 -30.57 -32.51 -34.41
CA GLY A 426 -29.55 -33.12 -35.28
C GLY A 426 -28.22 -33.43 -34.59
N VAL A 427 -27.98 -32.82 -33.43
CA VAL A 427 -26.72 -33.05 -32.71
C VAL A 427 -26.78 -34.33 -31.89
N THR A 428 -25.84 -35.23 -32.12
CA THR A 428 -25.76 -36.47 -31.36
C THR A 428 -24.67 -36.41 -30.29
N GLU A 429 -23.57 -35.71 -30.60
CA GLU A 429 -22.50 -35.41 -29.65
C GLU A 429 -21.97 -34.02 -29.90
N VAL A 430 -21.49 -33.38 -28.83
CA VAL A 430 -20.81 -32.09 -28.94
C VAL A 430 -19.73 -31.99 -27.85
N VAL A 431 -18.55 -31.54 -28.26
CA VAL A 431 -17.49 -31.20 -27.34
C VAL A 431 -16.98 -29.83 -27.75
N VAL A 432 -16.86 -28.93 -26.77
CA VAL A 432 -16.44 -27.56 -27.01
C VAL A 432 -15.02 -27.37 -26.46
N ILE A 433 -14.17 -26.76 -27.28
CA ILE A 433 -12.76 -26.55 -26.92
C ILE A 433 -12.37 -25.09 -27.23
N GLY A 434 -11.21 -24.66 -26.71
CA GLY A 434 -10.65 -23.37 -27.06
C GLY A 434 -9.45 -23.50 -27.99
N LEU A 435 -9.49 -22.83 -29.14
CA LEU A 435 -8.36 -22.82 -30.08
C LEU A 435 -7.58 -21.52 -29.95
N ALA A 436 -6.24 -21.61 -30.05
CA ALA A 436 -5.39 -20.44 -29.94
C ALA A 436 -5.82 -19.41 -30.97
N ASP A 437 -6.00 -18.18 -30.51
CA ASP A 437 -6.47 -17.09 -31.35
C ASP A 437 -5.76 -15.82 -30.91
N GLN A 438 -5.10 -15.12 -31.84
CA GLN A 438 -4.31 -13.94 -31.48
C GLN A 438 -5.18 -12.88 -30.79
N ARG A 439 -6.38 -12.67 -31.31
CA ARG A 439 -7.25 -11.63 -30.80
C ARG A 439 -7.93 -12.03 -29.50
N TRP A 440 -8.57 -13.20 -29.50
CA TRP A 440 -9.39 -13.65 -28.36
C TRP A 440 -8.64 -14.43 -27.30
N GLY A 441 -7.42 -14.85 -27.62
CA GLY A 441 -6.64 -15.69 -26.72
C GLY A 441 -7.00 -17.14 -27.01
N GLN A 442 -8.19 -17.52 -26.58
CA GLN A 442 -8.80 -18.78 -27.02
C GLN A 442 -10.14 -18.49 -27.66
N SER A 443 -10.38 -19.14 -28.80
CA SER A 443 -11.59 -18.97 -29.58
C SER A 443 -12.48 -20.18 -29.32
N VAL A 444 -13.68 -19.93 -28.81
CA VAL A 444 -14.66 -20.99 -28.51
C VAL A 444 -15.02 -21.75 -29.80
N THR A 445 -14.83 -23.06 -29.77
CA THR A 445 -14.94 -23.92 -30.94
C THR A 445 -15.76 -25.17 -30.63
N ALA A 446 -16.78 -25.44 -31.43
CA ALA A 446 -17.63 -26.61 -31.22
C ALA A 446 -17.33 -27.71 -32.23
N CYS A 447 -17.08 -28.91 -31.70
CA CYS A 447 -16.95 -30.11 -32.49
C CYS A 447 -18.21 -30.93 -32.30
N VAL A 448 -18.97 -31.04 -33.39
CA VAL A 448 -20.31 -31.62 -33.35
C VAL A 448 -20.40 -32.81 -34.26
N VAL A 449 -21.04 -33.87 -33.76
CA VAL A 449 -21.31 -35.07 -34.54
C VAL A 449 -22.81 -35.11 -34.86
N PRO A 450 -23.17 -35.15 -36.16
CA PRO A 450 -24.59 -35.21 -36.54
C PRO A 450 -25.16 -36.60 -36.34
N ARG A 451 -26.47 -36.68 -36.11
CA ARG A 451 -27.19 -37.95 -36.14
C ARG A 451 -26.84 -38.66 -37.45
N LEU A 452 -26.67 -39.98 -37.39
CA LEU A 452 -26.27 -40.77 -38.55
C LEU A 452 -27.22 -40.55 -39.75
N GLY A 453 -26.63 -40.23 -40.90
CA GLY A 453 -27.38 -39.96 -42.12
C GLY A 453 -27.96 -38.56 -42.22
N GLU A 454 -27.65 -37.72 -41.23
CA GLU A 454 -28.09 -36.32 -41.24
C GLU A 454 -26.91 -35.39 -41.42
N THR A 455 -27.20 -34.12 -41.70
CA THR A 455 -26.16 -33.09 -41.74
C THR A 455 -26.43 -32.03 -40.68
N LEU A 456 -25.40 -31.22 -40.42
CA LEU A 456 -25.53 -30.06 -39.55
C LEU A 456 -24.99 -28.83 -40.27
N SER A 457 -25.42 -27.67 -39.80
CA SER A 457 -25.06 -26.39 -40.41
C SER A 457 -24.53 -25.50 -39.31
N ALA A 458 -23.38 -24.88 -39.54
CA ALA A 458 -22.81 -23.92 -38.60
C ALA A 458 -23.77 -22.75 -38.39
N ASP A 459 -24.43 -22.29 -39.46
CA ASP A 459 -25.43 -21.21 -39.36
C ASP A 459 -26.61 -21.56 -38.46
N ALA A 460 -27.13 -22.78 -38.58
CA ALA A 460 -28.28 -23.22 -37.77
C ALA A 460 -27.89 -23.40 -36.31
N LEU A 461 -26.72 -23.99 -36.07
CA LEU A 461 -26.20 -24.13 -34.70
C LEU A 461 -25.97 -22.78 -34.03
N ASP A 462 -25.38 -21.85 -34.76
CA ASP A 462 -25.20 -20.47 -34.29
C ASP A 462 -26.52 -19.78 -33.96
N THR A 463 -27.53 -19.97 -34.82
CA THR A 463 -28.87 -19.45 -34.58
C THR A 463 -29.44 -19.98 -33.27
N PHE A 464 -29.29 -21.29 -33.07
CA PHE A 464 -29.79 -21.96 -31.87
C PHE A 464 -29.11 -21.38 -30.63
N CYS A 465 -27.77 -21.22 -30.68
CA CYS A 465 -27.04 -20.60 -29.57
C CYS A 465 -27.58 -19.20 -29.24
N ARG A 466 -27.82 -18.39 -30.28
CA ARG A 466 -28.28 -17.02 -30.10
C ARG A 466 -29.67 -16.90 -29.49
N SER A 467 -30.52 -17.89 -29.72
CA SER A 467 -31.87 -17.90 -29.16
C SER A 467 -31.94 -18.66 -27.83
N SER A 468 -30.84 -19.31 -27.48
CA SER A 468 -30.75 -20.04 -26.21
C SER A 468 -30.49 -19.08 -25.04
N GLU A 469 -30.49 -19.63 -23.82
CA GLU A 469 -30.18 -18.90 -22.59
C GLU A 469 -28.69 -18.59 -22.41
N LEU A 470 -27.84 -19.16 -23.27
CA LEU A 470 -26.41 -18.90 -23.24
C LEU A 470 -26.08 -17.49 -23.70
N ALA A 471 -25.25 -16.78 -22.94
CA ALA A 471 -24.81 -15.43 -23.31
C ALA A 471 -24.22 -15.43 -24.71
N ASP A 472 -24.63 -14.46 -25.52
CA ASP A 472 -24.21 -14.42 -26.93
C ASP A 472 -22.70 -14.43 -27.13
N PHE A 473 -21.97 -13.72 -26.28
CA PHE A 473 -20.50 -13.65 -26.41
C PHE A 473 -19.78 -14.99 -26.24
N LYS A 474 -20.46 -15.94 -25.58
CA LYS A 474 -19.89 -17.25 -25.28
C LYS A 474 -20.04 -18.28 -26.41
N ARG A 475 -20.86 -17.98 -27.40
CA ARG A 475 -21.15 -18.97 -28.46
C ARG A 475 -19.93 -19.24 -29.35
N PRO A 476 -19.87 -20.45 -29.94
CA PRO A 476 -18.76 -20.79 -30.85
C PRO A 476 -18.50 -19.80 -31.98
N LYS A 477 -17.22 -19.47 -32.17
CA LYS A 477 -16.73 -18.69 -33.31
C LYS A 477 -16.59 -19.58 -34.56
N ARG A 478 -16.41 -20.87 -34.32
CA ARG A 478 -16.16 -21.85 -35.38
C ARG A 478 -16.77 -23.20 -35.01
N TYR A 479 -17.26 -23.91 -36.02
CA TYR A 479 -17.80 -25.26 -35.88
C TYR A 479 -17.01 -26.24 -36.73
N PHE A 480 -16.70 -27.41 -36.16
CA PHE A 480 -16.17 -28.54 -36.91
C PHE A 480 -17.18 -29.68 -36.86
N ILE A 481 -17.73 -30.02 -38.01
CA ILE A 481 -18.69 -31.10 -38.09
C ILE A 481 -17.92 -32.38 -38.41
N LEU A 482 -18.01 -33.35 -37.50
CA LEU A 482 -17.17 -34.55 -37.53
C LEU A 482 -18.01 -35.83 -37.46
N ASP A 483 -17.50 -36.91 -38.05
CA ASP A 483 -18.20 -38.20 -38.01
C ASP A 483 -18.06 -38.88 -36.65
N GLN A 484 -17.02 -38.50 -35.91
CA GLN A 484 -16.73 -39.06 -34.59
C GLN A 484 -15.78 -38.13 -33.83
N LEU A 485 -15.70 -38.36 -32.52
CA LEU A 485 -14.74 -37.63 -31.67
C LEU A 485 -13.70 -38.60 -31.11
N PRO A 486 -12.45 -38.13 -30.92
CA PRO A 486 -11.40 -38.99 -30.34
C PRO A 486 -11.71 -39.34 -28.88
N LYS A 487 -11.65 -40.63 -28.56
CA LYS A 487 -12.05 -41.10 -27.23
C LYS A 487 -11.08 -42.12 -26.64
N ASN A 488 -10.97 -42.12 -25.31
CA ASN A 488 -10.21 -43.15 -24.59
C ASN A 488 -11.01 -44.45 -24.46
N ALA A 489 -10.39 -45.47 -23.87
CA ALA A 489 -11.01 -46.79 -23.70
C ALA A 489 -12.09 -46.83 -22.62
N LEU A 490 -12.48 -45.66 -22.12
CA LEU A 490 -13.60 -45.53 -21.19
C LEU A 490 -14.67 -44.63 -21.80
N ASN A 491 -14.56 -44.43 -23.13
CA ASN A 491 -15.46 -43.58 -23.92
C ASN A 491 -15.52 -42.10 -23.52
N LYS A 492 -14.46 -41.60 -22.87
CA LYS A 492 -14.33 -40.18 -22.60
C LYS A 492 -13.60 -39.49 -23.77
N VAL A 493 -14.05 -38.29 -24.13
CA VAL A 493 -13.44 -37.54 -25.23
C VAL A 493 -12.08 -36.93 -24.83
N LEU A 494 -11.08 -37.19 -25.67
CA LEU A 494 -9.71 -36.70 -25.45
C LEU A 494 -9.62 -35.24 -25.90
N ARG A 495 -9.97 -34.33 -25.00
CA ARG A 495 -10.19 -32.91 -25.32
C ARG A 495 -8.94 -32.18 -25.80
N ARG A 496 -7.81 -32.46 -25.17
CA ARG A 496 -6.56 -31.82 -25.55
C ARG A 496 -6.06 -32.32 -26.91
N GLN A 497 -6.17 -33.62 -27.14
CA GLN A 497 -5.86 -34.20 -28.45
C GLN A 497 -6.75 -33.61 -29.55
N LEU A 498 -8.04 -33.48 -29.27
CA LEU A 498 -8.97 -32.87 -30.22
C LEU A 498 -8.58 -31.46 -30.63
N VAL A 499 -8.12 -30.65 -29.68
CA VAL A 499 -7.57 -29.33 -29.97
C VAL A 499 -6.50 -29.40 -31.05
N GLN A 500 -5.56 -30.33 -30.90
CA GLN A 500 -4.49 -30.50 -31.89
C GLN A 500 -5.01 -31.03 -33.23
N GLN A 501 -6.06 -31.85 -33.17
CA GLN A 501 -6.65 -32.44 -34.37
C GLN A 501 -7.23 -31.37 -35.30
N VAL A 502 -7.92 -30.39 -34.73
CA VAL A 502 -8.65 -29.41 -35.53
C VAL A 502 -7.91 -28.07 -35.69
N SER A 503 -6.78 -27.91 -35.02
CA SER A 503 -6.01 -26.66 -35.10
C SER A 503 -4.98 -26.66 -36.24
N MET B 1 -4.67 -7.91 8.04
CA MET B 1 -3.51 -6.97 8.02
C MET B 1 -2.27 -7.69 7.49
N GLN B 2 -1.21 -6.91 7.25
CA GLN B 2 0.12 -7.45 6.96
C GLN B 2 1.11 -6.85 7.97
N THR B 3 1.49 -7.67 8.95
CA THR B 3 2.40 -7.23 10.03
C THR B 3 3.81 -7.08 9.48
N VAL B 4 4.71 -6.51 10.28
CA VAL B 4 6.13 -6.47 9.92
C VAL B 4 6.63 -7.90 9.66
N ASN B 5 6.29 -8.84 10.55
CA ASN B 5 6.77 -10.21 10.40
C ASN B 5 6.33 -10.84 9.08
N GLU B 6 5.08 -10.58 8.68
CA GLU B 6 4.54 -11.11 7.44
C GLU B 6 5.18 -10.49 6.22
N MET B 7 5.36 -9.17 6.23
CA MET B 7 6.03 -8.51 5.11
C MET B 7 7.40 -9.11 4.84
N LEU B 8 8.14 -9.35 5.92
CA LEU B 8 9.52 -9.84 5.82
C LEU B 8 9.58 -11.33 5.51
N ARG B 9 8.66 -12.10 6.10
CA ARG B 9 8.51 -13.52 5.81
C ARG B 9 8.13 -13.75 4.34
N ARG B 10 7.16 -12.99 3.85
CA ARG B 10 6.74 -13.12 2.44
C ARG B 10 7.85 -12.71 1.47
N ALA B 11 8.55 -11.62 1.79
CA ALA B 11 9.73 -11.18 1.02
C ALA B 11 10.77 -12.30 0.88
N ALA B 12 11.02 -13.00 1.98
CA ALA B 12 12.00 -14.09 2.00
C ALA B 12 11.57 -15.32 1.20
N THR B 13 10.26 -15.54 1.06
CA THR B 13 9.77 -16.62 0.19
C THR B 13 9.96 -16.27 -1.30
N ARG B 14 9.91 -14.96 -1.59
CA ARG B 14 10.01 -14.46 -2.98
C ARG B 14 11.44 -14.24 -3.45
N ALA B 15 12.30 -13.78 -2.54
CA ALA B 15 13.69 -13.44 -2.87
C ALA B 15 14.70 -14.04 -1.89
N PRO B 16 14.60 -15.37 -1.64
CA PRO B 16 15.41 -16.01 -0.58
C PRO B 16 16.91 -15.77 -0.69
N ASP B 17 17.44 -15.80 -1.91
CA ASP B 17 18.87 -15.74 -2.13
C ASP B 17 19.34 -14.37 -2.59
N HIS B 18 18.45 -13.38 -2.49
CA HIS B 18 18.82 -12.00 -2.73
C HIS B 18 19.38 -11.41 -1.45
N CYS B 19 20.38 -10.54 -1.57
CA CYS B 19 20.95 -9.87 -0.39
C CYS B 19 19.92 -8.97 0.33
N ALA B 20 19.73 -9.23 1.62
CA ALA B 20 18.85 -8.42 2.45
C ALA B 20 19.63 -7.36 3.22
N LEU B 21 20.75 -7.76 3.82
CA LEU B 21 21.56 -6.90 4.66
C LEU B 21 23.00 -6.88 4.18
N ALA B 22 23.53 -5.68 3.98
CA ALA B 22 24.91 -5.49 3.58
C ALA B 22 25.62 -4.54 4.55
N VAL B 23 26.77 -4.97 5.05
CA VAL B 23 27.64 -4.13 5.87
C VAL B 23 29.02 -4.17 5.20
N PRO B 24 29.21 -3.36 4.13
CA PRO B 24 30.40 -3.49 3.27
C PRO B 24 31.74 -3.41 4.01
N ALA B 25 31.85 -2.48 4.96
CA ALA B 25 33.09 -2.32 5.74
C ALA B 25 33.43 -3.53 6.63
N ARG B 26 32.44 -4.35 6.96
CA ARG B 26 32.71 -5.55 7.74
C ARG B 26 32.75 -6.81 6.88
N GLY B 27 32.47 -6.65 5.58
CA GLY B 27 32.33 -7.78 4.66
C GLY B 27 31.19 -8.71 5.04
N LEU B 28 30.16 -8.15 5.69
CA LEU B 28 29.01 -8.94 6.10
C LEU B 28 27.84 -8.76 5.15
N ARG B 29 27.43 -9.87 4.52
CA ARG B 29 26.27 -9.89 3.64
C ARG B 29 25.38 -11.04 3.98
N LEU B 30 24.08 -10.77 4.06
CA LEU B 30 23.10 -11.78 4.42
C LEU B 30 21.94 -11.72 3.45
N THR B 31 21.58 -12.86 2.86
CA THR B 31 20.42 -12.94 1.97
C THR B 31 19.14 -12.86 2.79
N HIS B 32 18.00 -12.67 2.13
CA HIS B 32 16.72 -12.65 2.83
C HIS B 32 16.50 -13.95 3.62
N ALA B 33 16.85 -15.09 3.02
CA ALA B 33 16.70 -16.38 3.67
C ALA B 33 17.64 -16.54 4.86
N GLU B 34 18.88 -16.07 4.70
CA GLU B 34 19.89 -16.11 5.77
C GLU B 34 19.47 -15.24 6.94
N LEU B 35 18.91 -14.07 6.63
CA LEU B 35 18.41 -13.17 7.68
C LEU B 35 17.29 -13.83 8.48
N ARG B 36 16.30 -14.40 7.79
CA ARG B 36 15.17 -15.09 8.42
C ARG B 36 15.64 -16.19 9.37
N ALA B 37 16.65 -16.94 8.95
CA ALA B 37 17.20 -18.03 9.78
C ALA B 37 17.83 -17.49 11.06
N ARG B 38 18.51 -16.35 10.96
CA ARG B 38 19.13 -15.72 12.13
C ARG B 38 18.10 -15.08 13.03
N VAL B 39 17.04 -14.55 12.43
CA VAL B 39 15.90 -14.02 13.19
C VAL B 39 15.19 -15.16 13.96
N GLU B 40 14.99 -16.30 13.30
CA GLU B 40 14.36 -17.47 13.93
C GLU B 40 15.19 -18.03 15.10
N ALA B 41 16.50 -18.13 14.90
CA ALA B 41 17.42 -18.66 15.91
C ALA B 41 17.49 -17.78 17.16
N VAL B 42 17.54 -16.47 16.95
CA VAL B 42 17.57 -15.53 18.08
C VAL B 42 16.23 -15.55 18.82
N ALA B 43 15.13 -15.59 18.08
CA ALA B 43 13.80 -15.69 18.67
C ALA B 43 13.65 -16.96 19.50
N ALA B 44 14.13 -18.09 18.97
CA ALA B 44 14.07 -19.35 19.69
C ALA B 44 14.87 -19.28 20.98
N ARG B 45 16.09 -18.72 20.90
CA ARG B 45 16.95 -18.58 22.08
C ARG B 45 16.29 -17.69 23.14
N LEU B 46 15.73 -16.57 22.72
CA LEU B 46 15.04 -15.65 23.63
C LEU B 46 13.86 -16.33 24.36
N HIS B 47 13.14 -17.20 23.63
CA HIS B 47 12.01 -17.92 24.18
C HIS B 47 12.47 -18.96 25.20
N ALA B 48 13.58 -19.63 24.89
CA ALA B 48 14.20 -20.59 25.81
C ALA B 48 14.57 -19.90 27.11
N ASP B 49 15.00 -18.64 27.02
CA ASP B 49 15.40 -17.87 28.20
C ASP B 49 14.21 -17.30 28.97
N GLY B 50 13.00 -17.45 28.43
CA GLY B 50 11.77 -17.14 29.16
C GLY B 50 10.93 -15.99 28.63
N LEU B 51 11.37 -15.39 27.54
CA LEU B 51 10.65 -14.27 26.94
C LEU B 51 9.36 -14.75 26.27
N ARG B 52 8.29 -13.97 26.40
CA ARG B 52 6.96 -14.36 25.91
C ARG B 52 6.28 -13.25 25.09
N PRO B 53 5.35 -13.63 24.19
CA PRO B 53 4.62 -12.64 23.41
C PRO B 53 4.00 -11.51 24.25
N GLN B 54 4.08 -10.29 23.72
CA GLN B 54 3.57 -9.07 24.34
C GLN B 54 4.34 -8.53 25.55
N GLN B 55 5.35 -9.28 26.02
CA GLN B 55 6.34 -8.70 26.94
C GLN B 55 7.13 -7.61 26.23
N ARG B 56 7.40 -6.51 26.92
CA ARG B 56 8.15 -5.40 26.34
C ARG B 56 9.65 -5.55 26.60
N VAL B 57 10.44 -5.29 25.56
CA VAL B 57 11.89 -5.42 25.64
C VAL B 57 12.53 -4.16 25.09
N ALA B 58 13.30 -3.46 25.92
CA ALA B 58 14.01 -2.27 25.46
C ALA B 58 15.15 -2.69 24.54
N VAL B 59 15.40 -1.89 23.52
CA VAL B 59 16.55 -2.07 22.65
C VAL B 59 17.34 -0.77 22.64
N VAL B 60 18.59 -0.84 23.09
CA VAL B 60 19.44 0.35 23.18
C VAL B 60 20.78 0.06 22.50
N ALA B 61 20.86 0.38 21.22
CA ALA B 61 22.06 0.11 20.43
C ALA B 61 22.11 1.01 19.21
N PRO B 62 23.32 1.39 18.77
CA PRO B 62 23.36 2.11 17.50
C PRO B 62 23.12 1.16 16.32
N ASN B 63 22.87 1.72 15.13
CA ASN B 63 22.55 0.91 13.96
C ASN B 63 23.65 -0.11 13.69
N SER B 64 23.24 -1.36 13.44
CA SER B 64 24.14 -2.46 13.08
C SER B 64 23.31 -3.62 12.53
N ALA B 65 23.96 -4.58 11.86
CA ALA B 65 23.25 -5.77 11.39
C ALA B 65 22.74 -6.55 12.59
N ASP B 66 23.51 -6.52 13.69
CA ASP B 66 23.16 -7.28 14.89
C ASP B 66 21.90 -6.76 15.58
N VAL B 67 21.73 -5.45 15.66
CA VAL B 67 20.50 -4.93 16.27
C VAL B 67 19.28 -5.14 15.36
N VAL B 68 19.48 -5.07 14.05
CA VAL B 68 18.43 -5.42 13.08
C VAL B 68 17.92 -6.83 13.35
N ILE B 69 18.85 -7.78 13.47
CA ILE B 69 18.47 -9.16 13.78
C ILE B 69 17.73 -9.26 15.12
N ALA B 70 18.22 -8.57 16.15
CA ALA B 70 17.60 -8.62 17.48
C ALA B 70 16.17 -8.05 17.51
N ILE B 71 15.98 -6.89 16.88
CA ILE B 71 14.66 -6.24 16.84
C ILE B 71 13.66 -7.15 16.11
N LEU B 72 14.08 -7.70 14.98
CA LEU B 72 13.17 -8.53 14.20
C LEU B 72 12.93 -9.88 14.86
N ALA B 73 13.91 -10.37 15.62
CA ALA B 73 13.75 -11.62 16.37
C ALA B 73 12.78 -11.42 17.53
N LEU B 74 12.91 -10.30 18.22
CA LEU B 74 11.95 -9.93 19.25
C LEU B 74 10.53 -9.91 18.67
N HIS B 75 10.33 -9.22 17.56
CA HIS B 75 9.03 -9.18 16.88
C HIS B 75 8.53 -10.56 16.45
N ARG B 76 9.42 -11.36 15.86
CA ARG B 76 9.09 -12.73 15.47
C ARG B 76 8.59 -13.58 16.65
N LEU B 77 9.24 -13.43 17.80
CA LEU B 77 8.80 -14.14 19.01
C LEU B 77 7.43 -13.64 19.44
N GLY B 78 7.18 -12.34 19.27
CA GLY B 78 5.92 -11.73 19.65
C GLY B 78 6.06 -10.69 20.74
N ALA B 79 7.29 -10.52 21.24
CA ALA B 79 7.62 -9.47 22.20
C ALA B 79 7.51 -8.09 21.55
N VAL B 80 7.31 -7.06 22.36
CA VAL B 80 7.20 -5.68 21.87
C VAL B 80 8.55 -4.96 22.05
N PRO B 81 9.31 -4.75 20.94
CA PRO B 81 10.53 -3.95 21.07
C PRO B 81 10.22 -2.50 21.38
N ALA B 82 10.89 -1.95 22.39
CA ALA B 82 10.84 -0.52 22.74
C ALA B 82 12.19 0.09 22.41
N LEU B 83 12.24 0.83 21.31
CA LEU B 83 13.51 1.29 20.76
C LEU B 83 13.89 2.61 21.42
N LEU B 84 15.10 2.65 21.95
CA LEU B 84 15.61 3.82 22.67
C LEU B 84 16.91 4.34 22.07
N ASN B 85 17.03 5.66 22.00
CA ASN B 85 18.24 6.32 21.51
C ASN B 85 19.44 5.97 22.40
N PRO B 86 20.48 5.32 21.83
CA PRO B 86 21.65 4.92 22.61
C PRO B 86 22.49 6.10 23.13
N ARG B 87 22.18 7.32 22.66
CA ARG B 87 22.88 8.53 23.11
C ARG B 87 22.33 9.05 24.44
N LEU B 88 21.17 8.54 24.88
CA LEU B 88 20.63 8.91 26.19
C LEU B 88 21.51 8.33 27.28
N LYS B 89 21.58 9.01 28.42
CA LYS B 89 22.45 8.57 29.51
C LYS B 89 21.75 7.55 30.41
N SER B 90 22.50 6.95 31.33
CA SER B 90 22.07 5.77 32.07
C SER B 90 20.81 5.98 32.91
N ALA B 91 20.73 7.12 33.60
CA ALA B 91 19.57 7.40 34.47
C ALA B 91 18.27 7.47 33.67
N GLU B 92 18.29 8.22 32.57
CA GLU B 92 17.13 8.36 31.71
C GLU B 92 16.70 7.01 31.11
N LEU B 93 17.67 6.26 30.58
CA LEU B 93 17.42 4.93 30.06
C LEU B 93 16.83 3.98 31.12
N ALA B 94 17.47 3.88 32.29
CA ALA B 94 16.98 3.00 33.34
C ALA B 94 15.56 3.37 33.79
N GLU B 95 15.30 4.67 33.92
CA GLU B 95 13.98 5.12 34.37
C GLU B 95 12.89 4.88 33.32
N LEU B 96 13.21 5.07 32.05
CA LEU B 96 12.27 4.75 30.96
C LEU B 96 11.97 3.25 30.88
N ILE B 97 13.01 2.43 31.08
CA ILE B 97 12.87 0.97 31.13
C ILE B 97 12.00 0.52 32.32
N LYS B 98 12.23 1.14 33.47
CA LYS B 98 11.43 0.91 34.67
C LYS B 98 9.97 1.36 34.47
N ARG B 99 9.77 2.56 33.94
CA ARG B 99 8.43 3.09 33.74
C ARG B 99 7.63 2.29 32.72
N GLY B 100 8.33 1.65 31.79
CA GLY B 100 7.71 0.82 30.76
C GLY B 100 7.38 -0.60 31.18
N GLU B 101 7.77 -0.96 32.40
CA GLU B 101 7.57 -2.31 32.93
C GLU B 101 8.15 -3.37 31.98
N MET B 102 9.33 -3.05 31.45
CA MET B 102 10.02 -3.92 30.50
C MET B 102 10.46 -5.19 31.19
N THR B 103 10.35 -6.31 30.48
CA THR B 103 10.80 -7.61 30.95
C THR B 103 12.32 -7.72 30.83
N ALA B 104 12.86 -7.17 29.74
CA ALA B 104 14.29 -7.24 29.45
C ALA B 104 14.76 -6.00 28.69
N ALA B 105 16.07 -5.80 28.66
CA ALA B 105 16.68 -4.74 27.87
C ALA B 105 17.86 -5.32 27.11
N VAL B 106 17.79 -5.25 25.79
CA VAL B 106 18.88 -5.67 24.93
C VAL B 106 19.74 -4.45 24.68
N ILE B 107 20.95 -4.43 25.26
CA ILE B 107 21.78 -3.23 25.20
C ILE B 107 23.14 -3.48 24.53
N ALA B 108 23.60 -2.49 23.78
CA ALA B 108 24.97 -2.50 23.25
C ALA B 108 25.76 -1.30 23.80
N VAL B 109 25.24 -0.67 24.86
CA VAL B 109 25.78 0.57 25.40
C VAL B 109 26.51 0.43 26.74
N GLY B 110 26.81 -0.80 27.14
CA GLY B 110 27.80 -1.01 28.20
C GLY B 110 27.37 -1.26 29.63
N ARG B 111 28.37 -1.37 30.50
CA ARG B 111 28.22 -1.77 31.91
C ARG B 111 27.59 -0.73 32.83
N GLN B 112 27.87 0.56 32.59
CA GLN B 112 27.26 1.62 33.39
C GLN B 112 25.74 1.64 33.24
N VAL B 113 25.27 1.50 32.00
CA VAL B 113 23.84 1.41 31.72
C VAL B 113 23.22 0.14 32.34
N ALA B 114 23.89 -0.99 32.16
CA ALA B 114 23.48 -2.24 32.78
C ALA B 114 23.33 -2.08 34.30
N ASP B 115 24.33 -1.47 34.94
CA ASP B 115 24.29 -1.27 36.39
C ASP B 115 23.16 -0.34 36.80
N ALA B 116 22.94 0.72 36.05
CA ALA B 116 21.83 1.64 36.32
C ALA B 116 20.47 0.92 36.24
N ILE B 117 20.31 0.06 35.23
CA ILE B 117 19.10 -0.73 35.08
C ILE B 117 18.92 -1.65 36.29
N PHE B 118 19.96 -2.40 36.63
CA PHE B 118 19.95 -3.24 37.83
C PHE B 118 19.58 -2.47 39.11
N GLN B 119 20.29 -1.38 39.38
CA GLN B 119 20.10 -0.60 40.62
C GLN B 119 18.75 0.13 40.69
N SER B 120 18.11 0.34 39.54
CA SER B 120 16.79 0.96 39.48
C SER B 120 15.71 0.09 40.12
N GLY B 121 16.01 -1.19 40.27
CA GLY B 121 15.08 -2.16 40.86
C GLY B 121 13.95 -2.58 39.93
N SER B 122 14.04 -2.20 38.65
CA SER B 122 13.00 -2.51 37.66
C SER B 122 12.76 -4.01 37.44
N GLY B 123 13.79 -4.82 37.69
CA GLY B 123 13.71 -6.26 37.47
C GLY B 123 13.90 -6.67 36.03
N ALA B 124 14.05 -5.68 35.14
CA ALA B 124 14.29 -5.95 33.72
C ALA B 124 15.61 -6.71 33.57
N ARG B 125 15.54 -7.86 32.91
CA ARG B 125 16.73 -8.66 32.66
C ARG B 125 17.62 -7.99 31.63
N ILE B 126 18.91 -7.89 31.94
CA ILE B 126 19.87 -7.24 31.06
C ILE B 126 20.46 -8.27 30.11
N ILE B 127 20.39 -7.96 28.81
CA ILE B 127 20.90 -8.81 27.76
C ILE B 127 21.89 -7.99 26.92
N PHE B 128 23.15 -8.42 26.86
CA PHE B 128 24.13 -7.78 25.97
C PHE B 128 23.81 -8.22 24.55
N LEU B 129 23.70 -7.26 23.62
CA LEU B 129 23.39 -7.58 22.23
C LEU B 129 24.39 -8.61 21.69
N GLY B 130 25.67 -8.41 21.98
CA GLY B 130 26.74 -9.29 21.49
C GLY B 130 26.71 -10.71 22.05
N ASP B 131 25.92 -10.91 23.11
CA ASP B 131 25.70 -12.25 23.66
C ASP B 131 24.55 -12.98 22.93
N LEU B 132 23.78 -12.23 22.14
CA LEU B 132 22.69 -12.80 21.33
C LEU B 132 23.15 -13.12 19.91
N VAL B 133 23.81 -12.15 19.30
CA VAL B 133 24.21 -12.23 17.91
C VAL B 133 25.36 -11.23 17.72
N ARG B 134 26.39 -11.63 17.01
CA ARG B 134 27.55 -10.76 16.79
C ARG B 134 28.08 -10.99 15.39
N ASP B 135 28.19 -9.90 14.62
CA ASP B 135 28.55 -9.93 13.20
C ASP B 135 27.66 -10.89 12.40
N GLY B 136 26.37 -10.88 12.71
CA GLY B 136 25.37 -11.70 12.01
C GLY B 136 25.21 -13.12 12.52
N GLU B 137 26.13 -13.56 13.38
CA GLU B 137 26.16 -14.93 13.86
C GLU B 137 25.52 -15.08 15.24
N PRO B 138 24.37 -15.78 15.32
CA PRO B 138 23.69 -15.97 16.60
C PRO B 138 24.29 -17.09 17.45
N TYR B 139 24.16 -16.95 18.77
CA TYR B 139 24.35 -18.07 19.67
C TYR B 139 22.98 -18.73 19.81
N SER B 140 22.87 -19.96 19.31
CA SER B 140 21.57 -20.62 19.13
C SER B 140 21.36 -21.80 20.08
N TYR B 141 20.26 -21.75 20.83
CA TYR B 141 19.76 -22.91 21.54
C TYR B 141 18.24 -22.83 21.74
N GLY B 142 17.64 -23.94 22.16
CA GLY B 142 16.20 -24.00 22.35
C GLY B 142 15.46 -24.55 21.15
N PRO B 143 14.28 -25.16 21.40
CA PRO B 143 13.41 -25.72 20.34
C PRO B 143 12.69 -24.65 19.51
N PRO B 144 12.13 -25.06 18.34
CA PRO B 144 11.31 -24.16 17.54
C PRO B 144 10.17 -23.56 18.35
N ILE B 145 9.80 -22.33 17.98
CA ILE B 145 8.71 -21.64 18.66
C ILE B 145 7.61 -21.32 17.66
N GLU B 146 6.39 -21.15 18.17
CA GLU B 146 5.25 -20.84 17.30
C GLU B 146 5.35 -19.40 16.82
N ASP B 147 4.78 -19.14 15.65
CA ASP B 147 4.53 -17.77 15.23
C ASP B 147 3.21 -17.40 15.90
N PRO B 148 3.26 -16.47 16.88
CA PRO B 148 2.07 -16.17 17.67
C PRO B 148 1.05 -15.39 16.87
N GLN B 149 -0.20 -15.51 17.29
CA GLN B 149 -1.32 -14.78 16.70
C GLN B 149 -1.20 -13.30 17.07
N ARG B 150 -1.20 -12.46 16.04
CA ARG B 150 -1.11 -11.02 16.18
C ARG B 150 -2.42 -10.40 15.71
N GLU B 151 -2.87 -9.37 16.42
CA GLU B 151 -4.14 -8.72 16.12
C GLU B 151 -3.92 -7.25 15.71
N PRO B 152 -4.81 -6.68 14.87
CA PRO B 152 -4.60 -5.34 14.32
C PRO B 152 -4.31 -4.24 15.36
N ALA B 153 -5.12 -4.14 16.41
CA ALA B 153 -4.95 -3.10 17.43
C ALA B 153 -3.89 -3.42 18.51
N GLN B 154 -3.33 -4.63 18.45
CA GLN B 154 -2.34 -5.10 19.42
C GLN B 154 -1.05 -4.31 19.35
N PRO B 155 -0.45 -3.98 20.52
CA PRO B 155 0.88 -3.34 20.53
C PRO B 155 1.90 -4.13 19.70
N ALA B 156 2.64 -3.45 18.85
CA ALA B 156 3.69 -4.10 18.03
C ALA B 156 5.08 -3.55 18.34
N PHE B 157 5.23 -2.24 18.32
CA PHE B 157 6.51 -1.55 18.56
C PHE B 157 6.27 -0.30 19.38
N ILE B 158 7.26 0.07 20.20
CA ILE B 158 7.20 1.31 20.99
C ILE B 158 8.37 2.22 20.59
N PHE B 159 8.04 3.47 20.32
CA PHE B 159 9.03 4.49 19.97
C PHE B 159 8.83 5.68 20.88
N TYR B 160 9.89 6.41 21.18
CA TYR B 160 9.81 7.50 22.17
C TYR B 160 9.77 8.89 21.57
N THR B 161 9.00 9.74 22.22
CA THR B 161 8.90 11.11 21.77
C THR B 161 8.84 12.08 22.95
N SER B 162 9.49 13.21 22.78
CA SER B 162 9.60 14.21 23.84
C SER B 162 8.32 15.02 24.00
N GLY B 163 7.98 15.31 25.24
CA GLY B 163 6.88 16.22 25.53
C GLY B 163 7.44 17.54 26.01
N THR B 164 6.55 18.40 26.47
CA THR B 164 6.91 19.75 26.92
C THR B 164 7.52 19.71 28.31
N THR B 165 7.23 18.63 29.03
CA THR B 165 7.73 18.42 30.38
C THR B 165 7.92 16.92 30.62
N GLY B 166 8.81 16.58 31.55
CA GLY B 166 9.01 15.19 31.97
C GLY B 166 9.75 14.32 30.97
N LEU B 167 9.83 13.03 31.28
CA LEU B 167 10.57 12.08 30.43
C LEU B 167 9.87 11.84 29.10
N PRO B 168 10.62 11.36 28.08
CA PRO B 168 9.99 11.00 26.80
C PRO B 168 8.80 10.05 26.98
N LYS B 169 7.80 10.19 26.11
CA LYS B 169 6.62 9.35 26.17
C LYS B 169 6.73 8.17 25.22
N ALA B 170 6.24 7.02 25.67
CA ALA B 170 6.32 5.76 24.94
C ALA B 170 5.10 5.58 24.01
N ALA B 171 5.27 5.97 22.75
CA ALA B 171 4.19 5.83 21.75
C ALA B 171 4.04 4.36 21.30
N ILE B 172 2.87 3.79 21.54
CA ILE B 172 2.59 2.40 21.18
C ILE B 172 2.07 2.30 19.75
N ILE B 173 2.84 1.65 18.88
CA ILE B 173 2.47 1.47 17.47
C ILE B 173 1.81 0.10 17.32
N PRO B 174 0.55 0.06 16.85
CA PRO B 174 -0.16 -1.22 16.72
C PRO B 174 0.30 -2.06 15.53
N GLN B 175 -0.05 -3.34 15.54
CA GLN B 175 0.31 -4.24 14.45
C GLN B 175 -0.18 -3.72 13.09
N ARG B 176 -1.38 -3.16 13.06
CA ARG B 176 -2.03 -2.73 11.80
C ARG B 176 -1.34 -1.53 11.12
N ALA B 177 -0.47 -0.85 11.86
CA ALA B 177 0.17 0.37 11.39
C ALA B 177 1.37 0.14 10.48
N ALA B 178 1.99 -1.04 10.58
CA ALA B 178 3.22 -1.33 9.85
C ALA B 178 3.08 -1.15 8.34
N GLU B 179 1.99 -1.65 7.77
CA GLU B 179 1.85 -1.68 6.31
C GLU B 179 1.84 -0.30 5.65
N SER B 180 1.03 0.62 6.17
CA SER B 180 0.98 1.98 5.62
C SER B 180 2.23 2.80 5.95
N ARG B 181 2.90 2.46 7.05
CA ARG B 181 4.16 3.10 7.44
C ARG B 181 5.31 2.66 6.53
N VAL B 182 5.07 1.59 5.77
CA VAL B 182 5.97 1.15 4.70
C VAL B 182 5.48 1.70 3.35
N LEU B 183 4.21 1.42 3.02
CA LEU B 183 3.68 1.68 1.68
C LEU B 183 3.59 3.13 1.23
N PHE B 184 3.64 4.09 2.15
CA PHE B 184 3.71 5.51 1.75
C PHE B 184 4.99 5.76 0.93
N MET B 185 6.01 4.91 1.12
CA MET B 185 7.24 4.99 0.33
C MET B 185 6.98 4.62 -1.14
N SER B 186 5.96 3.81 -1.39
CA SER B 186 5.50 3.53 -2.75
C SER B 186 4.58 4.63 -3.30
N THR B 187 3.57 5.02 -2.54
CA THR B 187 2.56 5.97 -3.03
C THR B 187 3.08 7.40 -3.12
N GLN B 188 3.86 7.81 -2.12
CA GLN B 188 4.42 9.17 -2.11
C GLN B 188 5.81 9.24 -2.77
N VAL B 189 6.74 8.40 -2.33
CA VAL B 189 8.13 8.45 -2.82
C VAL B 189 8.30 7.78 -4.18
N GLY B 190 7.47 6.78 -4.48
CA GLY B 190 7.53 6.11 -5.76
C GLY B 190 8.52 4.95 -5.82
N LEU B 191 8.89 4.42 -4.65
CA LEU B 191 9.58 3.13 -4.61
C LEU B 191 8.59 2.08 -5.09
N ARG B 192 9.09 1.04 -5.72
CA ARG B 192 8.22 -0.01 -6.19
C ARG B 192 8.83 -1.35 -5.83
N HIS B 193 8.03 -2.41 -5.88
CA HIS B 193 8.53 -3.73 -5.51
C HIS B 193 9.65 -4.15 -6.44
N GLY B 194 10.69 -4.77 -5.88
CA GLY B 194 11.71 -5.37 -6.72
C GLY B 194 13.09 -5.45 -6.11
N ARG B 195 13.87 -6.40 -6.62
CA ARG B 195 15.24 -6.65 -6.16
C ARG B 195 16.20 -5.55 -6.56
N HIS B 196 15.72 -4.59 -7.33
CA HIS B 196 16.51 -3.44 -7.78
C HIS B 196 16.75 -2.44 -6.63
N ASN B 197 15.96 -2.57 -5.56
CA ASN B 197 16.00 -1.64 -4.44
C ASN B 197 17.26 -1.82 -3.60
N VAL B 198 18.11 -0.80 -3.60
CA VAL B 198 19.29 -0.76 -2.74
C VAL B 198 19.17 0.50 -1.87
N VAL B 199 18.81 0.29 -0.61
CA VAL B 199 18.47 1.39 0.30
C VAL B 199 19.61 1.64 1.28
N LEU B 200 20.07 2.89 1.36
CA LEU B 200 21.12 3.25 2.33
C LEU B 200 20.52 3.56 3.70
N GLY B 201 20.96 2.81 4.70
CA GLY B 201 20.39 2.89 6.05
C GLY B 201 20.96 4.01 6.91
N LEU B 202 20.80 5.25 6.46
CA LEU B 202 21.31 6.42 7.17
C LEU B 202 20.57 6.71 8.47
N MET B 203 19.25 6.59 8.43
CA MET B 203 18.41 7.00 9.56
C MET B 203 18.46 6.01 10.72
N PRO B 204 18.52 6.53 11.95
CA PRO B 204 18.50 5.70 13.16
C PRO B 204 17.29 4.76 13.21
N LEU B 205 17.55 3.52 13.56
CA LEU B 205 16.53 2.49 13.67
C LEU B 205 15.58 2.73 14.83
N TYR B 206 16.01 3.52 15.80
CA TYR B 206 15.21 3.79 17.00
C TYR B 206 14.19 4.93 16.84
N HIS B 207 14.08 5.46 15.63
CA HIS B 207 12.95 6.31 15.27
C HIS B 207 12.17 5.69 14.10
N VAL B 208 10.92 6.10 13.93
CA VAL B 208 10.01 5.39 12.99
C VAL B 208 10.43 5.51 11.53
N VAL B 209 11.09 6.60 11.14
CA VAL B 209 11.57 6.73 9.77
C VAL B 209 12.59 5.62 9.47
N GLY B 210 13.68 5.58 10.25
CA GLY B 210 14.75 4.59 10.06
C GLY B 210 14.29 3.15 10.16
N PHE B 211 13.30 2.91 11.02
CA PHE B 211 12.75 1.56 11.15
C PHE B 211 11.75 1.19 10.04
N PHE B 212 10.59 1.86 9.99
CA PHE B 212 9.52 1.46 9.03
C PHE B 212 9.81 1.88 7.60
N ALA B 213 10.20 3.14 7.42
CA ALA B 213 10.30 3.71 6.07
C ALA B 213 11.62 3.37 5.38
N VAL B 214 12.62 2.96 6.17
CA VAL B 214 13.93 2.62 5.63
C VAL B 214 14.22 1.11 5.74
N LEU B 215 14.45 0.60 6.95
CA LEU B 215 14.73 -0.84 7.13
C LEU B 215 13.61 -1.73 6.58
N VAL B 216 12.43 -1.62 7.17
CA VAL B 216 11.32 -2.52 6.81
C VAL B 216 10.90 -2.36 5.34
N ALA B 217 10.81 -1.11 4.86
CA ALA B 217 10.49 -0.87 3.45
C ALA B 217 11.46 -1.56 2.49
N ALA B 218 12.76 -1.39 2.74
CA ALA B 218 13.81 -2.01 1.91
C ALA B 218 13.63 -3.51 1.81
N LEU B 219 13.46 -4.19 2.95
CA LEU B 219 13.32 -5.65 2.97
C LEU B 219 11.96 -6.10 2.42
N ALA B 220 10.90 -5.39 2.80
CA ALA B 220 9.54 -5.75 2.38
C ALA B 220 9.35 -5.65 0.86
N LEU B 221 10.11 -4.77 0.22
CA LEU B 221 10.09 -4.62 -1.24
C LEU B 221 11.04 -5.58 -1.97
N ASP B 222 11.59 -6.52 -1.20
CA ASP B 222 12.54 -7.54 -1.70
C ASP B 222 13.90 -6.95 -2.08
N GLY B 223 14.26 -5.83 -1.47
CA GLY B 223 15.51 -5.14 -1.78
C GLY B 223 16.59 -5.40 -0.76
N THR B 224 17.60 -4.53 -0.79
CA THR B 224 18.78 -4.64 0.07
C THR B 224 18.87 -3.40 0.96
N TYR B 225 19.13 -3.63 2.26
CA TYR B 225 19.38 -2.56 3.24
C TYR B 225 20.88 -2.48 3.52
N VAL B 226 21.48 -1.34 3.20
CA VAL B 226 22.90 -1.13 3.43
C VAL B 226 23.06 -0.50 4.82
N VAL B 227 23.65 -1.26 5.74
CA VAL B 227 23.83 -0.83 7.12
C VAL B 227 24.85 0.32 7.22
N VAL B 228 24.50 1.35 7.98
CA VAL B 228 25.42 2.46 8.27
C VAL B 228 25.55 2.63 9.78
N GLU B 229 26.74 2.31 10.30
CA GLU B 229 26.96 2.33 11.75
C GLU B 229 27.27 3.73 12.29
N GLU B 230 27.92 4.54 11.47
CA GLU B 230 28.33 5.88 11.85
C GLU B 230 28.27 6.77 10.62
N PHE B 231 27.57 7.89 10.72
CA PHE B 231 27.43 8.80 9.58
C PHE B 231 28.68 9.64 9.33
N ARG B 232 29.24 9.46 8.14
CA ARG B 232 30.31 10.30 7.61
C ARG B 232 29.96 10.54 6.14
N PRO B 233 29.62 11.80 5.79
CA PRO B 233 29.11 12.14 4.45
C PRO B 233 29.97 11.65 3.27
N VAL B 234 31.29 11.80 3.34
CA VAL B 234 32.16 11.31 2.25
C VAL B 234 32.01 9.80 2.11
N ASP B 235 32.04 9.09 3.24
CA ASP B 235 31.93 7.63 3.24
C ASP B 235 30.57 7.13 2.76
N ALA B 236 29.52 7.88 3.09
CA ALA B 236 28.16 7.59 2.64
C ALA B 236 28.05 7.71 1.12
N LEU B 237 28.62 8.76 0.55
CA LEU B 237 28.60 8.96 -0.89
C LEU B 237 29.40 7.89 -1.63
N GLN B 238 30.51 7.46 -1.04
CA GLN B 238 31.29 6.34 -1.57
C GLN B 238 30.48 5.03 -1.54
N LEU B 239 29.64 4.84 -0.51
CA LEU B 239 28.72 3.69 -0.47
C LEU B 239 27.66 3.75 -1.57
N VAL B 240 27.10 4.93 -1.81
CA VAL B 240 26.17 5.13 -2.94
C VAL B 240 26.80 4.60 -4.24
N GLN B 241 28.05 4.96 -4.49
CA GLN B 241 28.77 4.57 -5.70
C GLN B 241 29.09 3.08 -5.69
N GLN B 242 29.73 2.63 -4.61
CA GLN B 242 30.16 1.25 -4.44
C GLN B 242 28.99 0.25 -4.44
N GLU B 243 27.93 0.57 -3.69
CA GLU B 243 26.78 -0.34 -3.57
C GLU B 243 25.68 -0.07 -4.61
N GLN B 244 25.86 0.97 -5.42
CA GLN B 244 24.86 1.39 -6.41
C GLN B 244 23.49 1.61 -5.74
N VAL B 245 23.52 2.43 -4.68
CA VAL B 245 22.34 2.79 -3.89
C VAL B 245 21.32 3.47 -4.80
N THR B 246 20.06 3.05 -4.67
CA THR B 246 18.98 3.63 -5.47
C THR B 246 18.11 4.63 -4.68
N SER B 247 18.06 4.49 -3.37
CA SER B 247 17.29 5.43 -2.56
C SER B 247 17.95 5.76 -1.24
N LEU B 248 17.80 7.01 -0.84
CA LEU B 248 18.33 7.45 0.43
C LEU B 248 17.35 8.44 1.04
N PHE B 249 16.98 8.17 2.29
CA PHE B 249 16.02 8.95 3.06
C PHE B 249 16.78 9.48 4.28
N ALA B 250 16.79 10.79 4.46
CA ALA B 250 17.55 11.38 5.57
C ALA B 250 16.99 12.73 6.03
N THR B 251 17.61 13.32 7.05
CA THR B 251 17.17 14.63 7.54
C THR B 251 17.81 15.71 6.66
N PRO B 252 17.26 16.94 6.70
CA PRO B 252 17.93 18.06 6.04
C PRO B 252 19.35 18.27 6.57
N THR B 253 19.58 17.92 7.84
CA THR B 253 20.93 17.97 8.44
C THR B 253 21.89 17.03 7.69
N HIS B 254 21.48 15.77 7.52
CA HIS B 254 22.24 14.78 6.73
C HIS B 254 22.50 15.32 5.32
N LEU B 255 21.46 15.85 4.70
CA LEU B 255 21.51 16.26 3.29
C LEU B 255 22.34 17.52 3.06
N ASP B 256 22.34 18.44 4.03
CA ASP B 256 23.24 19.57 3.99
C ASP B 256 24.68 19.07 3.93
N ALA B 257 25.00 18.11 4.79
CA ALA B 257 26.34 17.55 4.87
C ALA B 257 26.70 16.77 3.61
N LEU B 258 25.73 16.00 3.10
CA LEU B 258 25.97 15.19 1.90
C LEU B 258 26.13 16.06 0.65
N ALA B 259 25.28 17.08 0.52
CA ALA B 259 25.36 18.00 -0.61
C ALA B 259 26.70 18.73 -0.66
N ALA B 260 27.21 19.13 0.51
CA ALA B 260 28.53 19.76 0.61
C ALA B 260 29.65 18.80 0.18
N ALA B 261 29.60 17.57 0.70
CA ALA B 261 30.54 16.51 0.32
C ALA B 261 30.48 16.24 -1.19
N ALA B 262 29.26 16.17 -1.74
CA ALA B 262 29.09 15.95 -3.19
C ALA B 262 29.65 17.12 -4.02
N ALA B 263 29.40 18.35 -3.56
CA ALA B 263 29.95 19.56 -4.18
C ALA B 263 31.47 19.51 -4.23
N HIS B 264 32.09 19.15 -3.10
CA HIS B 264 33.54 19.06 -3.01
C HIS B 264 34.11 17.97 -3.92
N ALA B 265 33.48 16.80 -3.89
CA ALA B 265 33.96 15.65 -4.67
C ALA B 265 33.74 15.80 -6.19
N GLY B 266 32.70 16.55 -6.57
CA GLY B 266 32.34 16.74 -7.97
C GLY B 266 32.32 15.43 -8.73
N SER B 267 32.99 15.43 -9.88
CA SER B 267 32.93 14.30 -10.83
C SER B 267 33.70 13.05 -10.37
N SER B 268 34.44 13.16 -9.27
CA SER B 268 35.17 12.02 -8.74
C SER B 268 34.23 10.96 -8.14
N LEU B 269 32.97 11.35 -7.93
CA LEU B 269 31.94 10.43 -7.45
C LEU B 269 30.86 10.17 -8.48
N LYS B 270 30.52 8.90 -8.66
CA LYS B 270 29.46 8.50 -9.57
C LYS B 270 28.23 8.17 -8.74
N LEU B 271 27.26 9.09 -8.74
CA LEU B 271 26.06 8.98 -7.90
C LEU B 271 24.81 8.69 -8.73
N ASP B 272 24.97 8.39 -10.00
CA ASP B 272 23.83 8.29 -10.91
C ASP B 272 22.87 7.10 -10.63
N SER B 273 23.30 6.15 -9.81
CA SER B 273 22.40 5.07 -9.37
C SER B 273 21.29 5.60 -8.45
N LEU B 274 21.58 6.67 -7.74
CA LEU B 274 20.68 7.25 -6.75
C LEU B 274 19.48 7.91 -7.43
N ARG B 275 18.31 7.29 -7.29
CA ARG B 275 17.11 7.73 -8.00
C ARG B 275 16.12 8.47 -7.11
N HIS B 276 16.27 8.30 -5.79
CA HIS B 276 15.36 8.91 -4.83
C HIS B 276 16.14 9.53 -3.68
N VAL B 277 15.94 10.82 -3.48
CA VAL B 277 16.47 11.53 -2.31
C VAL B 277 15.30 12.13 -1.54
N THR B 278 15.01 11.55 -0.39
CA THR B 278 13.83 11.90 0.39
C THR B 278 14.27 12.52 1.72
N PHE B 279 13.54 13.50 2.19
CA PHE B 279 13.85 14.13 3.47
C PHE B 279 12.65 14.30 4.39
N ALA B 280 12.92 14.18 5.69
CA ALA B 280 11.92 14.34 6.74
C ALA B 280 12.62 14.59 8.08
N GLY B 281 11.84 14.95 9.09
CA GLY B 281 12.33 15.04 10.46
C GLY B 281 12.36 16.46 10.97
N ALA B 282 12.35 17.41 10.05
CA ALA B 282 12.42 18.82 10.36
C ALA B 282 12.10 19.64 9.12
N THR B 283 11.84 20.93 9.32
CA THR B 283 11.69 21.88 8.23
C THR B 283 12.98 21.92 7.43
N MET B 284 12.88 21.65 6.13
CA MET B 284 14.00 21.73 5.20
C MET B 284 14.32 23.20 4.88
N PRO B 285 15.49 23.72 5.36
CA PRO B 285 15.78 25.12 5.07
C PRO B 285 15.99 25.32 3.57
N ASP B 286 15.58 26.46 3.05
CA ASP B 286 15.65 26.71 1.61
C ASP B 286 17.08 26.66 1.09
N ALA B 287 18.04 27.12 1.92
CA ALA B 287 19.45 27.08 1.56
C ALA B 287 19.98 25.65 1.43
N VAL B 288 19.49 24.75 2.29
CA VAL B 288 19.82 23.33 2.17
C VAL B 288 19.17 22.78 0.89
N LEU B 289 17.90 23.13 0.67
CA LEU B 289 17.15 22.63 -0.49
C LEU B 289 17.86 22.99 -1.80
N GLU B 290 18.32 24.23 -1.88
CA GLU B 290 19.01 24.73 -3.07
C GLU B 290 20.27 23.92 -3.38
N THR B 291 21.08 23.65 -2.35
CA THR B 291 22.31 22.89 -2.55
C THR B 291 22.05 21.41 -2.82
N VAL B 292 20.97 20.88 -2.24
CA VAL B 292 20.50 19.52 -2.53
C VAL B 292 20.10 19.39 -4.02
N HIS B 293 19.32 20.34 -4.52
CA HIS B 293 18.92 20.36 -5.94
C HIS B 293 20.16 20.47 -6.85
N GLN B 294 21.16 21.21 -6.40
CA GLN B 294 22.35 21.47 -7.21
C GLN B 294 23.31 20.27 -7.29
N HIS B 295 23.48 19.55 -6.17
CA HIS B 295 24.61 18.64 -6.04
C HIS B 295 24.27 17.17 -5.87
N LEU B 296 22.99 16.87 -5.65
CA LEU B 296 22.55 15.49 -5.49
C LEU B 296 21.58 15.09 -6.62
N PRO B 297 21.75 13.88 -7.16
CA PRO B 297 20.86 13.40 -8.23
C PRO B 297 19.55 12.84 -7.67
N GLY B 298 18.67 12.38 -8.56
CA GLY B 298 17.44 11.71 -8.15
C GLY B 298 16.29 12.67 -7.91
N GLU B 299 15.08 12.12 -7.85
CA GLU B 299 13.92 12.91 -7.51
C GLU B 299 13.94 13.27 -6.04
N LYS B 300 13.67 14.54 -5.76
CA LYS B 300 13.65 15.09 -4.40
C LYS B 300 12.22 15.10 -3.87
N VAL B 301 12.02 14.49 -2.71
CA VAL B 301 10.69 14.46 -2.08
C VAL B 301 10.80 14.86 -0.60
N ASN B 302 10.01 15.85 -0.22
CA ASN B 302 9.92 16.26 1.16
C ASN B 302 8.77 15.46 1.76
N ILE B 303 9.02 14.82 2.89
CA ILE B 303 8.00 14.05 3.60
C ILE B 303 7.78 14.66 4.99
N TYR B 304 6.57 15.17 5.24
CA TYR B 304 6.20 15.63 6.58
C TYR B 304 5.54 14.49 7.35
N GLY B 305 5.95 14.29 8.58
CA GLY B 305 5.33 13.28 9.41
C GLY B 305 5.73 13.36 10.86
N THR B 306 5.20 12.41 11.63
CA THR B 306 5.32 12.39 13.08
C THR B 306 5.46 10.92 13.51
N THR B 307 6.06 10.70 14.68
CA THR B 307 6.10 9.37 15.29
C THR B 307 4.69 8.79 15.42
N GLU B 308 3.75 9.62 15.83
CA GLU B 308 2.40 9.18 16.19
C GLU B 308 1.54 8.77 14.99
N ALA B 309 1.72 9.47 13.87
CA ALA B 309 0.86 9.19 12.71
C ALA B 309 1.57 8.94 11.38
N MET B 310 2.91 8.90 11.42
CA MET B 310 3.75 8.68 10.23
C MET B 310 3.54 9.80 9.19
N ASN B 311 3.47 9.49 7.88
CA ASN B 311 3.42 10.53 6.83
C ASN B 311 2.06 11.21 6.75
N SER B 312 2.05 12.54 6.72
CA SER B 312 0.80 13.30 6.55
C SER B 312 0.80 14.28 5.39
N LEU B 313 1.99 14.77 5.01
CA LEU B 313 2.14 15.70 3.89
C LEU B 313 3.39 15.35 3.08
N TYR B 314 3.38 15.74 1.81
CA TYR B 314 4.57 15.60 0.96
C TYR B 314 4.61 16.61 -0.19
N MET B 315 5.77 16.69 -0.83
CA MET B 315 5.97 17.50 -2.03
C MET B 315 7.06 16.87 -2.88
N ARG B 316 6.73 16.55 -4.14
CA ARG B 316 7.73 16.13 -5.11
C ARG B 316 8.39 17.37 -5.70
N GLN B 317 9.71 17.26 -5.94
CA GLN B 317 10.53 18.36 -6.47
C GLN B 317 10.20 19.73 -5.86
N PRO B 318 10.29 19.85 -4.52
CA PRO B 318 9.85 21.08 -3.85
C PRO B 318 10.69 22.30 -4.25
N LYS B 319 10.02 23.45 -4.39
CA LYS B 319 10.68 24.72 -4.65
C LYS B 319 11.00 25.45 -3.34
N THR B 320 10.22 25.15 -2.30
CA THR B 320 10.46 25.64 -0.94
C THR B 320 10.39 24.45 0.03
N GLY B 321 10.93 24.63 1.23
CA GLY B 321 10.93 23.58 2.23
C GLY B 321 9.67 23.50 3.07
N THR B 322 8.82 24.51 3.00
CA THR B 322 7.70 24.65 3.92
C THR B 322 6.33 24.28 3.36
N GLU B 323 6.22 24.13 2.05
CA GLU B 323 4.91 23.83 1.42
C GLU B 323 4.80 22.37 0.98
N MET B 324 3.76 21.69 1.50
CA MET B 324 3.48 20.30 1.18
C MET B 324 1.97 20.06 1.11
N ALA B 325 1.58 18.91 0.59
CA ALA B 325 0.17 18.54 0.48
C ALA B 325 -0.03 17.08 0.87
N PRO B 326 -1.22 16.72 1.39
CA PRO B 326 -1.44 15.36 1.84
C PRO B 326 -1.43 14.32 0.71
N GLY B 327 -0.81 13.16 0.98
CA GLY B 327 -0.77 12.07 0.02
C GLY B 327 -1.67 10.92 0.44
N PHE B 328 -1.44 9.75 -0.16
CA PHE B 328 -2.25 8.58 0.11
C PHE B 328 -2.15 8.22 1.59
N PHE B 329 -3.25 7.69 2.13
CA PHE B 329 -3.42 7.39 3.58
C PHE B 329 -3.85 8.61 4.41
N SER B 330 -3.53 9.81 3.93
CA SER B 330 -3.61 11.00 4.77
C SER B 330 -4.89 11.81 4.58
N GLU B 331 -5.34 12.39 5.69
CA GLU B 331 -6.45 13.34 5.72
C GLU B 331 -6.08 14.37 6.79
N VAL B 332 -6.11 15.65 6.42
CA VAL B 332 -5.64 16.70 7.33
C VAL B 332 -6.67 17.82 7.53
N ARG B 333 -6.53 18.53 8.63
CA ARG B 333 -7.31 19.73 8.93
C ARG B 333 -6.40 20.74 9.61
N ILE B 334 -6.75 22.01 9.50
CA ILE B 334 -6.09 23.05 10.30
C ILE B 334 -7.17 23.70 11.15
N VAL B 335 -6.99 23.59 12.47
CA VAL B 335 -8.02 24.01 13.42
C VAL B 335 -7.52 25.13 14.33
N ARG B 336 -8.46 25.83 14.99
CA ARG B 336 -8.07 26.89 15.92
C ARG B 336 -7.18 26.31 17.01
N ILE B 337 -6.07 26.99 17.28
CA ILE B 337 -5.14 26.59 18.33
C ILE B 337 -5.87 26.65 19.68
N GLY B 338 -5.87 25.53 20.39
CA GLY B 338 -6.65 25.42 21.63
C GLY B 338 -8.12 25.12 21.38
N GLY B 339 -8.49 24.96 20.12
CA GLY B 339 -9.88 24.64 19.75
C GLY B 339 -10.07 23.15 19.50
N GLY B 340 -11.33 22.76 19.30
CA GLY B 340 -11.65 21.36 19.05
C GLY B 340 -11.30 20.92 17.63
N VAL B 341 -11.30 19.62 17.41
CA VAL B 341 -10.95 19.04 16.11
C VAL B 341 -11.90 19.42 14.96
N ASP B 342 -13.09 19.90 15.30
CA ASP B 342 -14.08 20.36 14.32
C ASP B 342 -13.98 21.85 14.01
N GLU B 343 -13.17 22.57 14.78
CA GLU B 343 -13.07 24.03 14.67
C GLU B 343 -12.07 24.46 13.61
N ILE B 344 -12.37 24.05 12.37
CA ILE B 344 -11.57 24.33 11.19
C ILE B 344 -11.44 25.84 10.98
N VAL B 345 -10.22 26.31 10.75
CA VAL B 345 -9.99 27.74 10.47
C VAL B 345 -10.37 28.07 9.02
N ALA B 346 -10.66 29.34 8.75
CA ALA B 346 -10.90 29.82 7.40
C ALA B 346 -9.58 29.76 6.62
N ASN B 347 -9.63 29.23 5.40
CA ASN B 347 -8.43 29.16 4.54
C ASN B 347 -7.66 30.48 4.55
N GLY B 348 -6.35 30.40 4.79
CA GLY B 348 -5.52 31.60 4.96
C GLY B 348 -5.25 32.00 6.41
N GLU B 349 -6.04 31.46 7.34
CA GLU B 349 -5.81 31.69 8.77
C GLU B 349 -4.95 30.57 9.34
N GLU B 350 -4.04 30.92 10.23
CA GLU B 350 -3.13 29.97 10.84
C GLU B 350 -3.81 29.17 11.96
N GLY B 351 -3.39 27.93 12.13
CA GLY B 351 -3.90 27.12 13.23
C GLY B 351 -3.05 25.89 13.45
N GLU B 352 -3.53 24.97 14.28
CA GLU B 352 -2.83 23.71 14.46
C GLU B 352 -3.15 22.73 13.35
N LEU B 353 -2.11 22.18 12.75
CA LEU B 353 -2.27 21.05 11.85
C LEU B 353 -2.67 19.82 12.67
N ILE B 354 -3.80 19.23 12.30
CA ILE B 354 -4.18 17.95 12.88
C ILE B 354 -4.38 16.96 11.74
N VAL B 355 -4.21 15.67 12.06
CA VAL B 355 -4.18 14.63 11.07
C VAL B 355 -5.05 13.47 11.54
N ALA B 356 -5.77 12.85 10.62
CA ALA B 356 -6.65 11.75 10.99
C ALA B 356 -5.85 10.59 11.57
N ALA B 357 -6.36 10.07 12.69
CA ALA B 357 -5.77 8.91 13.33
C ALA B 357 -6.40 7.66 12.75
N SER B 358 -5.80 7.13 11.69
CA SER B 358 -6.33 5.91 11.09
C SER B 358 -5.39 4.74 11.35
N ASP B 359 -5.35 3.76 10.46
CA ASP B 359 -4.50 2.57 10.61
C ASP B 359 -3.06 2.83 11.03
N SER B 360 -2.46 3.88 10.50
CA SER B 360 -1.04 4.21 10.74
C SER B 360 -0.77 4.73 12.14
N ALA B 361 -1.82 5.19 12.82
CA ALA B 361 -1.66 5.94 14.06
C ALA B 361 -1.32 5.07 15.24
N PHE B 362 -0.52 5.63 16.15
CA PHE B 362 -0.27 5.06 17.47
C PHE B 362 -1.60 4.87 18.22
N VAL B 363 -1.59 4.02 19.25
CA VAL B 363 -2.81 3.78 20.03
C VAL B 363 -2.82 4.51 21.38
N GLY B 364 -1.73 5.23 21.68
CA GLY B 364 -1.61 5.98 22.93
C GLY B 364 -0.21 5.93 23.50
N TYR B 365 0.04 6.74 24.51
CA TYR B 365 1.31 6.71 25.21
C TYR B 365 1.19 5.78 26.40
N LEU B 366 2.11 4.81 26.49
CA LEU B 366 2.13 3.82 27.55
C LEU B 366 2.00 4.45 28.92
N ASN B 367 0.99 4.00 29.67
CA ASN B 367 0.74 4.44 31.04
C ASN B 367 0.50 5.93 31.24
N GLN B 368 0.20 6.66 30.15
CA GLN B 368 -0.07 8.09 30.21
C GLN B 368 -1.32 8.49 29.42
N PRO B 369 -2.52 8.09 29.90
CA PRO B 369 -3.75 8.37 29.15
C PRO B 369 -4.13 9.86 29.12
N GLN B 370 -3.69 10.61 30.12
CA GLN B 370 -3.87 12.06 30.13
C GLN B 370 -3.13 12.72 28.97
N ALA B 371 -1.82 12.46 28.87
CA ALA B 371 -1.01 12.90 27.74
C ALA B 371 -1.60 12.43 26.41
N THR B 372 -2.11 11.19 26.40
CA THR B 372 -2.74 10.62 25.21
C THR B 372 -3.98 11.41 24.80
N ALA B 373 -4.83 11.74 25.77
CA ALA B 373 -6.06 12.50 25.50
C ALA B 373 -5.79 13.90 24.96
N GLU B 374 -4.65 14.51 25.35
CA GLU B 374 -4.26 15.80 24.81
C GLU B 374 -3.90 15.74 23.31
N LYS B 375 -3.45 14.58 22.84
CA LYS B 375 -2.94 14.44 21.45
C LYS B 375 -3.86 13.64 20.51
N LEU B 376 -4.62 12.70 21.07
CA LEU B 376 -5.58 11.90 20.32
C LEU B 376 -6.99 12.27 20.73
N GLN B 377 -7.69 13.00 19.87
CA GLN B 377 -9.04 13.50 20.19
C GLN B 377 -10.01 13.23 19.04
N ASP B 378 -11.04 12.43 19.33
CA ASP B 378 -12.14 12.13 18.38
C ASP B 378 -11.68 11.70 16.98
N GLY B 379 -10.66 10.85 16.91
CA GLY B 379 -10.20 10.31 15.64
C GLY B 379 -9.15 11.17 14.94
N TRP B 380 -8.59 12.14 15.65
CA TRP B 380 -7.55 13.01 15.10
C TRP B 380 -6.33 13.01 15.99
N TYR B 381 -5.15 13.06 15.37
CA TYR B 381 -3.90 13.31 16.09
C TYR B 381 -3.46 14.78 15.95
N ARG B 382 -3.19 15.43 17.08
CA ARG B 382 -2.79 16.83 17.10
C ARG B 382 -1.26 16.99 17.04
N THR B 383 -0.76 17.60 15.97
CA THR B 383 0.68 17.59 15.68
C THR B 383 1.55 18.53 16.53
N SER B 384 0.93 19.54 17.11
CA SER B 384 1.63 20.69 17.74
C SER B 384 2.42 21.54 16.74
N ASP B 385 2.12 21.38 15.44
CA ASP B 385 2.69 22.24 14.41
C ASP B 385 1.66 23.29 13.99
N VAL B 386 2.14 24.53 13.84
CA VAL B 386 1.33 25.61 13.31
C VAL B 386 1.44 25.57 11.79
N ALA B 387 0.31 25.78 11.11
CA ALA B 387 0.23 25.67 9.66
C ALA B 387 -0.82 26.60 9.08
N VAL B 388 -0.76 26.81 7.78
CA VAL B 388 -1.75 27.61 7.06
C VAL B 388 -1.98 27.01 5.67
N TRP B 389 -3.22 27.15 5.17
CA TRP B 389 -3.51 26.82 3.78
C TRP B 389 -3.07 27.99 2.91
N THR B 390 -2.32 27.70 1.86
CA THR B 390 -1.88 28.71 0.88
C THR B 390 -2.99 28.92 -0.15
N PRO B 391 -3.00 30.08 -0.85
CA PRO B 391 -3.96 30.27 -1.95
C PRO B 391 -3.80 29.23 -3.05
N GLU B 392 -2.63 28.60 -3.11
CA GLU B 392 -2.37 27.50 -4.05
C GLU B 392 -2.95 26.17 -3.57
N GLY B 393 -3.62 26.18 -2.43
CA GLY B 393 -4.27 24.99 -1.87
C GLY B 393 -3.35 23.98 -1.18
N THR B 394 -2.13 24.40 -0.83
CA THR B 394 -1.17 23.52 -0.15
C THR B 394 -1.05 23.89 1.34
N VAL B 395 -0.40 23.03 2.11
CA VAL B 395 -0.17 23.32 3.52
C VAL B 395 1.22 23.93 3.70
N ARG B 396 1.29 25.09 4.34
CA ARG B 396 2.57 25.67 4.71
C ARG B 396 2.84 25.48 6.20
N ILE B 397 3.90 24.72 6.50
CA ILE B 397 4.32 24.46 7.88
C ILE B 397 5.01 25.69 8.45
N LEU B 398 4.52 26.15 9.60
CA LEU B 398 5.12 27.27 10.31
C LEU B 398 5.84 26.74 11.55
N GLY B 399 5.71 27.41 12.69
CA GLY B 399 6.41 26.98 13.90
C GLY B 399 5.69 25.91 14.70
N ARG B 400 5.98 25.89 16.00
CA ARG B 400 5.37 24.95 16.92
C ARG B 400 4.38 25.69 17.83
N VAL B 401 3.44 24.94 18.38
CA VAL B 401 2.49 25.47 19.36
C VAL B 401 3.15 25.46 20.75
N ASP B 402 4.18 24.62 20.90
CA ASP B 402 4.67 24.20 22.22
C ASP B 402 6.14 24.51 22.55
N ASP B 403 6.77 25.40 21.78
CA ASP B 403 8.16 25.83 22.02
C ASP B 403 9.26 24.77 21.73
N MET B 404 8.87 23.64 21.16
CA MET B 404 9.84 22.59 20.82
C MET B 404 10.90 23.10 19.84
N ILE B 405 12.16 22.77 20.13
CA ILE B 405 13.29 23.03 19.23
C ILE B 405 13.52 21.75 18.41
N ILE B 406 13.78 21.90 17.11
CA ILE B 406 14.16 20.73 16.31
C ILE B 406 15.56 20.89 15.73
N SER B 407 16.48 20.11 16.28
CA SER B 407 17.89 20.14 15.95
C SER B 407 18.28 18.79 15.39
N GLY B 408 18.78 18.77 14.16
CA GLY B 408 19.20 17.54 13.49
C GLY B 408 18.07 16.52 13.41
N GLY B 409 16.84 17.00 13.29
CA GLY B 409 15.67 16.10 13.22
C GLY B 409 15.31 15.50 14.58
N GLU B 410 15.89 16.05 15.64
CA GLU B 410 15.57 15.62 17.02
C GLU B 410 14.79 16.71 17.75
N ASN B 411 13.68 16.33 18.37
CA ASN B 411 12.89 17.27 19.17
C ASN B 411 13.55 17.47 20.52
N ILE B 412 13.76 18.72 20.88
CA ILE B 412 14.32 19.06 22.18
C ILE B 412 13.51 20.21 22.78
N HIS B 413 12.99 20.02 23.98
CA HIS B 413 12.29 21.10 24.65
C HIS B 413 13.26 21.97 25.47
N PRO B 414 13.13 23.31 25.37
CA PRO B 414 14.02 24.24 26.08
C PRO B 414 14.13 23.95 27.58
N SER B 415 13.01 23.56 28.18
CA SER B 415 12.92 23.27 29.62
C SER B 415 13.91 22.18 30.07
N GLU B 416 14.16 21.19 29.21
CA GLU B 416 15.18 20.17 29.49
C GLU B 416 16.54 20.78 29.80
N ILE B 417 17.00 21.68 28.94
CA ILE B 417 18.29 22.34 29.09
C ILE B 417 18.25 23.39 30.20
N GLU B 418 17.17 24.15 30.25
CA GLU B 418 16.96 25.19 31.28
C GLU B 418 17.03 24.64 32.69
N ARG B 419 16.36 23.52 32.93
CA ARG B 419 16.35 22.92 34.26
C ARG B 419 17.75 22.47 34.68
N VAL B 420 18.52 21.93 33.74
CA VAL B 420 19.90 21.54 34.03
C VAL B 420 20.81 22.74 34.28
N LEU B 421 20.83 23.70 33.36
CA LEU B 421 21.69 24.88 33.49
C LEU B 421 21.35 25.77 34.69
N GLY B 422 20.09 25.74 35.12
CA GLY B 422 19.67 26.48 36.30
C GLY B 422 20.36 26.02 37.57
N THR B 423 20.98 24.84 37.54
CA THR B 423 21.70 24.32 38.72
C THR B 423 23.21 24.46 38.58
N ALA B 424 23.69 24.93 37.43
CA ALA B 424 25.12 25.12 37.23
C ALA B 424 25.59 26.23 38.15
N PRO B 425 26.69 26.00 38.89
CA PRO B 425 27.16 27.05 39.79
C PRO B 425 27.41 28.37 39.04
N GLY B 426 26.91 29.46 39.62
CA GLY B 426 27.07 30.80 39.04
C GLY B 426 25.85 31.26 38.26
N VAL B 427 24.99 30.33 37.87
CA VAL B 427 23.84 30.66 37.02
C VAL B 427 22.64 31.05 37.87
N THR B 428 22.02 32.17 37.52
CA THR B 428 20.83 32.61 38.24
C THR B 428 19.57 32.41 37.41
N GLU B 429 19.60 32.86 36.15
CA GLU B 429 18.46 32.70 35.25
C GLU B 429 18.95 32.21 33.89
N VAL B 430 18.13 31.38 33.25
CA VAL B 430 18.45 30.83 31.94
C VAL B 430 17.23 30.70 31.04
N VAL B 431 17.38 31.15 29.80
CA VAL B 431 16.39 30.88 28.75
C VAL B 431 17.08 30.21 27.56
N VAL B 432 16.49 29.11 27.12
CA VAL B 432 17.02 28.36 26.00
C VAL B 432 16.13 28.54 24.77
N ILE B 433 16.73 28.98 23.67
CA ILE B 433 16.03 29.15 22.40
C ILE B 433 16.71 28.33 21.31
N GLY B 434 16.02 28.17 20.18
CA GLY B 434 16.63 27.53 19.00
C GLY B 434 16.84 28.54 17.89
N LEU B 435 18.10 28.88 17.61
CA LEU B 435 18.40 29.82 16.53
C LEU B 435 18.50 29.13 15.18
N ALA B 436 17.99 29.79 14.12
CA ALA B 436 18.08 29.26 12.78
C ALA B 436 19.52 28.94 12.43
N ASP B 437 19.72 27.77 11.82
CA ASP B 437 21.03 27.22 11.55
C ASP B 437 20.86 26.34 10.31
N GLN B 438 21.67 26.59 9.30
CA GLN B 438 21.55 25.85 8.05
C GLN B 438 21.74 24.34 8.26
N ARG B 439 22.77 23.96 9.02
CA ARG B 439 23.10 22.55 9.23
C ARG B 439 22.11 21.86 10.16
N TRP B 440 21.90 22.45 11.35
CA TRP B 440 21.08 21.81 12.39
C TRP B 440 19.60 22.15 12.30
N GLY B 441 19.25 23.14 11.48
CA GLY B 441 17.87 23.61 11.37
C GLY B 441 17.59 24.65 12.46
N GLN B 442 17.55 24.17 13.70
CA GLN B 442 17.65 25.03 14.86
C GLN B 442 18.86 24.63 15.71
N SER B 443 19.58 25.64 16.21
CA SER B 443 20.76 25.42 17.03
C SER B 443 20.42 25.75 18.49
N VAL B 444 20.53 24.76 19.38
CA VAL B 444 20.23 24.98 20.79
C VAL B 444 21.12 26.12 21.33
N THR B 445 20.48 27.17 21.86
CA THR B 445 21.16 28.39 22.29
C THR B 445 20.72 28.78 23.70
N ALA B 446 21.69 28.98 24.59
CA ALA B 446 21.41 29.30 25.99
C ALA B 446 21.77 30.74 26.33
N CYS B 447 20.78 31.47 26.84
CA CYS B 447 20.98 32.83 27.32
C CYS B 447 21.03 32.78 28.84
N VAL B 448 22.19 33.11 29.39
CA VAL B 448 22.47 32.85 30.80
C VAL B 448 22.90 34.12 31.54
N VAL B 449 22.44 34.24 32.78
CA VAL B 449 22.73 35.38 33.64
C VAL B 449 23.50 34.91 34.88
N PRO B 450 24.69 35.51 35.14
CA PRO B 450 25.46 35.17 36.33
C PRO B 450 24.87 35.70 37.62
N ARG B 451 25.25 35.08 38.74
CA ARG B 451 25.04 35.64 40.07
C ARG B 451 25.68 37.03 40.13
N LEU B 452 25.14 37.89 40.99
CA LEU B 452 25.60 39.28 41.09
C LEU B 452 27.13 39.42 41.12
N GLY B 453 27.65 40.17 40.16
CA GLY B 453 29.07 40.52 40.09
C GLY B 453 29.98 39.39 39.63
N GLU B 454 29.40 38.25 39.26
CA GLU B 454 30.16 37.08 38.83
C GLU B 454 30.24 36.96 37.31
N THR B 455 31.13 36.10 36.85
CA THR B 455 31.28 35.83 35.43
C THR B 455 30.92 34.37 35.15
N LEU B 456 30.44 34.11 33.94
CA LEU B 456 30.22 32.74 33.49
C LEU B 456 31.12 32.49 32.30
N SER B 457 31.40 31.22 32.01
CA SER B 457 32.10 30.86 30.78
C SER B 457 31.38 29.73 30.05
N ALA B 458 31.33 29.86 28.73
CA ALA B 458 30.72 28.85 27.86
C ALA B 458 31.37 27.50 28.09
N ASP B 459 32.69 27.48 28.25
CA ASP B 459 33.42 26.23 28.48
C ASP B 459 32.96 25.52 29.77
N ALA B 460 32.84 26.27 30.87
CA ALA B 460 32.41 25.69 32.16
C ALA B 460 30.97 25.18 32.08
N LEU B 461 30.09 25.95 31.44
CA LEU B 461 28.70 25.54 31.31
C LEU B 461 28.56 24.29 30.41
N ASP B 462 29.35 24.23 29.35
CA ASP B 462 29.41 23.06 28.47
C ASP B 462 29.84 21.80 29.24
N THR B 463 30.89 21.96 30.04
CA THR B 463 31.41 20.91 30.90
C THR B 463 30.31 20.37 31.83
N PHE B 464 29.60 21.29 32.48
CA PHE B 464 28.48 20.94 33.34
C PHE B 464 27.39 20.15 32.58
N CYS B 465 27.03 20.61 31.37
CA CYS B 465 26.04 19.87 30.57
C CYS B 465 26.53 18.45 30.28
N ARG B 466 27.79 18.31 29.91
CA ARG B 466 28.36 16.99 29.58
C ARG B 466 28.42 16.03 30.78
N SER B 467 28.62 16.56 31.98
CA SER B 467 28.66 15.75 33.19
C SER B 467 27.28 15.53 33.80
N SER B 468 26.28 16.24 33.28
CA SER B 468 24.89 16.13 33.76
C SER B 468 24.18 14.91 33.17
N GLU B 469 22.95 14.69 33.61
CA GLU B 469 22.09 13.63 33.06
C GLU B 469 21.55 13.92 31.66
N LEU B 470 21.65 15.19 31.22
CA LEU B 470 21.19 15.59 29.88
C LEU B 470 22.01 14.91 28.77
N ALA B 471 21.34 14.30 27.81
CA ALA B 471 22.00 13.70 26.65
C ALA B 471 22.92 14.74 26.01
N ASP B 472 24.14 14.33 25.67
CA ASP B 472 25.16 15.28 25.19
C ASP B 472 24.78 16.04 23.93
N PHE B 473 24.04 15.39 23.03
CA PHE B 473 23.69 16.02 21.76
C PHE B 473 22.72 17.20 21.91
N LYS B 474 22.06 17.27 23.07
CA LYS B 474 21.07 18.33 23.36
C LYS B 474 21.68 19.63 23.94
N ARG B 475 22.96 19.60 24.29
CA ARG B 475 23.57 20.74 24.98
C ARG B 475 23.75 21.94 24.04
N PRO B 476 23.70 23.18 24.60
CA PRO B 476 23.82 24.36 23.75
C PRO B 476 25.05 24.37 22.84
N LYS B 477 24.84 24.82 21.61
CA LYS B 477 25.91 25.05 20.66
C LYS B 477 26.56 26.41 20.91
N ARG B 478 25.80 27.30 21.55
CA ARG B 478 26.22 28.68 21.77
C ARG B 478 25.62 29.23 23.06
N TYR B 479 26.41 30.03 23.77
CA TYR B 479 25.98 30.70 25.00
C TYR B 479 26.02 32.21 24.83
N PHE B 480 24.98 32.88 25.30
CA PHE B 480 24.99 34.33 25.41
C PHE B 480 24.90 34.67 26.89
N ILE B 481 26.00 35.19 27.42
CA ILE B 481 26.07 35.58 28.82
C ILE B 481 25.64 37.04 28.91
N LEU B 482 24.57 37.27 29.66
CA LEU B 482 23.96 38.60 29.75
C LEU B 482 23.92 39.08 31.19
N ASP B 483 24.02 40.40 31.38
CA ASP B 483 23.91 41.01 32.72
C ASP B 483 22.54 40.75 33.32
N GLN B 484 21.53 40.73 32.45
CA GLN B 484 20.15 40.55 32.83
C GLN B 484 19.37 40.14 31.57
N LEU B 485 18.33 39.34 31.75
CA LEU B 485 17.37 39.08 30.66
C LEU B 485 16.42 40.29 30.56
N PRO B 486 15.93 40.61 29.34
CA PRO B 486 14.90 41.64 29.26
C PRO B 486 13.58 41.12 29.81
N LYS B 487 13.02 41.84 30.77
CA LYS B 487 11.83 41.38 31.50
C LYS B 487 10.91 42.54 31.80
N ASN B 488 9.61 42.26 31.90
CA ASN B 488 8.63 43.28 32.31
C ASN B 488 8.51 43.34 33.85
N ALA B 489 7.68 44.26 34.36
CA ALA B 489 7.51 44.46 35.81
C ALA B 489 7.04 43.20 36.56
N LEU B 490 6.47 42.26 35.82
CA LEU B 490 6.04 40.96 36.34
C LEU B 490 7.17 39.95 36.47
N ASN B 491 8.39 40.37 36.12
CA ASN B 491 9.58 39.49 36.11
C ASN B 491 9.46 38.37 35.08
N LYS B 492 8.83 38.70 33.94
CA LYS B 492 8.63 37.75 32.85
C LYS B 492 9.45 38.17 31.63
N VAL B 493 10.10 37.19 31.00
CA VAL B 493 11.06 37.45 29.92
C VAL B 493 10.38 37.98 28.66
N LEU B 494 10.86 39.13 28.19
CA LEU B 494 10.40 39.72 26.94
C LEU B 494 11.07 38.97 25.78
N ARG B 495 10.45 37.85 25.41
CA ARG B 495 11.05 36.85 24.54
C ARG B 495 11.47 37.39 23.18
N ARG B 496 10.60 38.18 22.57
CA ARG B 496 10.87 38.79 21.26
C ARG B 496 12.09 39.71 21.31
N GLN B 497 12.19 40.49 22.38
CA GLN B 497 13.33 41.38 22.63
C GLN B 497 14.64 40.61 22.83
N LEU B 498 14.57 39.50 23.56
CA LEU B 498 15.73 38.64 23.79
C LEU B 498 16.26 38.04 22.49
N VAL B 499 15.37 37.42 21.73
CA VAL B 499 15.72 36.80 20.44
C VAL B 499 16.38 37.84 19.51
N GLN B 500 15.80 39.04 19.47
CA GLN B 500 16.36 40.17 18.70
C GLN B 500 17.77 40.57 19.18
N GLN B 501 17.93 40.67 20.50
CA GLN B 501 19.20 41.04 21.12
C GLN B 501 20.33 40.05 20.80
N VAL B 502 20.01 38.76 20.72
CA VAL B 502 21.03 37.72 20.49
C VAL B 502 21.16 37.28 19.02
N SER B 503 20.14 37.55 18.21
CA SER B 503 20.20 37.26 16.77
C SER B 503 20.93 38.37 16.00
MG MG C . -18.10 -2.84 -30.26
N NO3 D . -14.01 -13.44 -15.50
O1 NO3 D . -12.65 -13.39 -15.83
O2 NO3 D . -14.89 -14.21 -16.27
O3 NO3 D . -14.48 -12.74 -14.37
P AMP E . -11.24 -15.45 -12.93
O1P AMP E . -11.27 -16.91 -12.54
O2P AMP E . -12.49 -14.97 -13.60
O3P AMP E . -10.80 -14.57 -11.80
O5' AMP E . -10.03 -15.38 -14.04
C5' AMP E . -8.67 -15.57 -13.63
C4' AMP E . -7.91 -16.51 -14.56
O4' AMP E . -7.47 -15.79 -15.71
C3' AMP E . -6.61 -17.01 -13.92
O3' AMP E . -6.78 -18.20 -13.14
C2' AMP E . -5.72 -17.27 -15.12
O2' AMP E . -6.04 -18.51 -15.74
C1' AMP E . -6.13 -16.16 -16.07
N9 AMP E . -5.21 -14.99 -16.05
C8 AMP E . -5.47 -13.77 -15.54
N7 AMP E . -4.42 -12.92 -15.72
C5 AMP E . -3.47 -13.62 -16.36
C6 AMP E . -2.10 -13.35 -16.87
N6 AMP E . -1.52 -12.12 -16.72
N1 AMP E . -1.44 -14.36 -17.47
C2 AMP E . -1.99 -15.58 -17.64
N3 AMP E . -3.21 -15.89 -17.21
C4 AMP E . -3.99 -14.96 -16.57
O7A 01A F . -22.06 -11.54 -33.01
P3A 01A F . -22.04 -10.61 -31.83
O9A 01A F . -22.48 -9.20 -32.11
O8A 01A F . -22.66 -11.20 -30.58
O3A' 01A F . -20.45 -10.50 -31.50
C3A' 01A F . -19.93 -9.64 -30.48
C2A' 01A F . -19.71 -10.35 -29.16
O2A' 01A F . -20.63 -11.44 -28.94
C1A' 01A F . -18.27 -10.83 -29.26
N9A 01A F . -17.62 -10.92 -27.92
C4A 01A F . -16.84 -11.93 -27.54
C5A 01A F . -16.42 -11.66 -26.24
C6A 01A F . -15.58 -12.57 -25.61
N6A 01A F . -15.15 -12.37 -24.34
N1A 01A F . -15.19 -13.69 -26.28
C2A 01A F . -15.61 -13.93 -27.53
N3A 01A F . -16.43 -13.06 -28.16
N7A 01A F . -16.98 -10.48 -25.87
C8A 01A F . -17.71 -10.04 -26.91
O4A' 01A F . -17.59 -9.89 -30.11
C4A' 01A F . -18.54 -9.17 -30.89
C5A' 01A F . -18.36 -7.66 -30.66
O5A' 01A F . -19.05 -7.23 -29.47
P1A 01A F . -18.46 -6.02 -28.59
O1A 01A F . -19.28 -5.93 -27.32
O2A 01A F . -18.34 -4.82 -29.48
O3A 01A F . -16.99 -6.59 -28.19
P2A 01A F . -15.70 -5.63 -27.99
O4A 01A F . -16.10 -4.52 -27.06
O5A 01A F . -15.09 -5.33 -29.34
O6A 01A F . -14.66 -6.61 -27.25
CCP 01A F . -15.02 -7.32 -26.07
CBP 01A F . -14.10 -6.97 -24.90
CDP 01A F . -14.17 -5.45 -24.65
CEP 01A F . -12.67 -7.36 -25.22
CAP 01A F . -14.64 -7.76 -23.71
OAP 01A F . -14.47 -9.16 -23.96
C9P 01A F . -14.03 -7.35 -22.38
O9P 01A F . -14.32 -6.17 -21.86
N8P 01A F . -13.26 -8.16 -21.75
C7P 01A F . -12.62 -7.87 -20.46
C6P 01A F . -13.13 -8.92 -19.45
C5P 01A F . -12.48 -8.66 -18.12
O5P 01A F . -12.68 -7.61 -17.55
N4P 01A F . -11.70 -9.63 -17.61
C3P 01A F . -10.93 -9.68 -16.34
C2P 01A F . -11.88 -10.06 -15.22
S1P 01A F . -11.06 -10.36 -13.67
C1 01A F . -10.03 -11.57 -14.19
C 01A F . -8.72 -11.75 -13.93
O2 01A F . -8.23 -12.69 -14.50
C1' 01A F . -7.85 -10.92 -13.03
C6 01A F . -6.58 -10.60 -13.52
C5 01A F . -5.72 -9.85 -12.74
C2 01A F . -8.23 -10.53 -11.75
C3 01A F . -7.35 -9.77 -10.97
C4 01A F . -6.10 -9.44 -11.48
CL4A 01A F . -4.93 -8.47 -10.53
C1 EDO G . -17.38 7.88 -1.82
O1 EDO G . -17.48 6.61 -2.50
C2 EDO G . -17.04 8.93 -2.86
O2 EDO G . -16.95 10.19 -2.21
MG MG H . 30.02 9.98 14.53
N NO3 I . 12.24 12.82 17.51
O1 NO3 I . 12.03 13.51 16.30
O2 NO3 I . 11.56 11.61 17.76
O3 NO3 I . 13.13 13.33 18.45
N NO3 J . 29.98 20.82 38.93
O1 NO3 J . 30.11 20.41 37.59
O2 NO3 J . 29.83 19.85 39.93
O3 NO3 J . 29.99 22.17 39.27
P AMP K . 8.00 13.38 16.34
O1P AMP K . 8.37 12.11 15.64
O2P AMP K . 6.50 13.55 16.50
O3P AMP K . 8.78 13.63 17.62
O5' AMP K . 8.54 14.55 15.35
C5' AMP K . 7.67 15.10 14.35
C4' AMP K . 7.87 16.59 14.19
O4' AMP K . 9.00 16.86 13.33
C3' AMP K . 6.69 17.24 13.49
O3' AMP K . 5.70 17.68 14.41
C2' AMP K . 7.30 18.41 12.78
O2' AMP K . 7.43 19.54 13.66
C1' AMP K . 8.70 17.93 12.44
N9 AMP K . 8.80 17.49 11.03
C8 AMP K . 8.94 16.23 10.58
N7 AMP K . 9.03 16.18 9.22
C5 AMP K . 8.94 17.45 8.78
C6 AMP K . 8.97 18.12 7.46
N6 AMP K . 9.11 17.40 6.33
N1 AMP K . 8.86 19.47 7.44
C2 AMP K . 8.71 20.21 8.57
N3 AMP K . 8.68 19.65 9.80
C4 AMP K . 8.80 18.31 9.97
O7A 01A L . 30.75 17.22 20.91
P3A 01A L . 29.98 15.95 20.69
O9A 01A L . 30.80 14.77 20.22
O8A 01A L . 28.98 15.60 21.79
O3A' 01A L . 29.08 16.40 19.43
C3A' 01A L . 28.43 15.46 18.58
C2A' 01A L . 26.97 15.34 18.94
O2A' 01A L . 26.74 15.57 20.33
C1A' 01A L . 26.31 16.40 18.06
N9A 01A L . 24.93 16.01 17.68
C4A 01A L . 23.89 16.86 17.64
C5A 01A L . 22.78 16.13 17.24
C6A 01A L . 21.57 16.80 17.12
N6A 01A L . 20.46 16.11 16.75
N1A 01A L . 21.51 18.13 17.38
C2A 01A L . 22.60 18.82 17.77
N3A 01A L . 23.78 18.20 17.89
N7A 01A L . 23.18 14.85 17.04
C8A 01A L . 24.49 14.79 17.32
O4A' 01A L . 27.13 16.51 16.89
C4A' 01A L . 28.45 15.98 17.16
C5A' 01A L . 28.79 14.87 16.15
O5A' 01A L . 28.37 13.60 16.66
P1A 01A L . 27.79 12.48 15.67
O1A 01A L . 27.00 11.47 16.47
O2A 01A L . 28.93 12.04 14.78
O3A 01A L . 26.73 13.35 14.82
P2A 01A L . 26.44 13.11 13.25
O4A 01A L . 26.33 11.62 13.07
O5A 01A L . 27.39 13.93 12.41
O6A 01A L . 25.01 13.82 13.02
CCP 01A L . 23.92 13.56 13.88
CBP 01A L . 22.73 13.06 13.05
CDP 01A L . 23.20 11.84 12.27
CEP 01A L . 22.24 14.12 12.05
CAP 01A L . 21.63 12.76 14.07
OAP 01A L . 21.16 14.00 14.61
C9P 01A L . 20.50 11.97 13.47
O9P 01A L . 20.72 10.69 13.15
N8P 01A L . 19.36 12.51 13.30
C7P 01A L . 18.17 11.90 12.72
C6P 01A L . 17.04 12.02 13.73
C5P 01A L . 15.81 11.29 13.22
O5P 01A L . 15.88 10.11 12.89
N4P 01A L . 14.67 11.97 13.15
C3P 01A L . 13.35 11.50 12.68
C2P 01A L . 12.68 10.77 13.85
S1P 01A L . 10.98 10.41 13.48
C1 01A L . 10.51 11.97 13.22
C 01A L . 9.72 12.49 12.28
O2 01A L . 9.65 13.70 12.31
C1' 01A L . 8.99 11.75 11.19
C6 01A L . 9.06 12.27 9.91
C5 01A L . 8.43 11.63 8.86
C2 01A L . 8.26 10.58 11.43
C3 01A L . 7.61 9.93 10.38
C4 01A L . 7.71 10.47 9.09
CL4A 01A L . 6.92 9.71 7.68
#